data_7NA8
#
_entry.id   7NA8
#
_cell.length_a   1.00
_cell.length_b   1.00
_cell.length_c   1.00
_cell.angle_alpha   90.00
_cell.angle_beta   90.00
_cell.angle_gamma   90.00
#
_symmetry.space_group_name_H-M   'P 1'
#
loop_
_entity.id
_entity.type
_entity.pdbx_description
1 polymer 'Guanine nucleotide-binding protein G(i) subunit alpha-1'
2 polymer 'Guanine nucleotide-binding protein G(I)/G(S)/G(T) subunit beta-1'
3 polymer 'Guanine nucleotide-binding protein G(I)/G(S)/G(O) subunit gamma-2'
4 polymer 'Antibody fragment'
5 polymer 'Growth hormone secretagogue receptor type 1'
6 non-polymer "1-(methanesulfonyl)-1'-(2-methyl-L-alanyl-O-benzyl-D-seryl)-1,2-dihydrospiro[indole-3,4'-piperidine]"
7 non-polymer CHOLESTEROL
#
loop_
_entity_poly.entity_id
_entity_poly.type
_entity_poly.pdbx_seq_one_letter_code
_entity_poly.pdbx_strand_id
1 'polypeptide(L)'
;MGCTLSAEDKAAVERSKMIDRNLREDGEKAAREVKLLLLGAGESGKSTIVKQMKIIHEAGYSEEECKQYKAVVYSNTIQS
IIAIIRAMGRLKIDFGDSARADDARQLFVLAGAAEEGFMTAELAGVIKRLWKDSGVQACFNRSREYQLNDSAAYYLNDLD
RIAQPNYIPTQQDVLRTRVKTTGIVETHFTFKDLHFKMFDVGGQRSERKKWIHCFEGVTAIIFCVALSDYDLVLAEDEEM
NRMHESMKLFDSICNNKWFTDTSIILFLNKKDLFEEKIKKSPLTICYPEYAGSNTYEEAAAYIQCQFEDLNKRKDTKEIY
THFTCATETKNVQFVFDAVTDVIIKNNLKDCGLF
;
A
2 'polypeptide(L)'
;MSELDELRQEAEQLKNQIRDARKACADATLSQITNNIDPVGRIQMRTRRTLRGHLAKIYAMHWGTDSRLLVSASQDGKLI
IWDSYTTNKVHAIPLRSSWVMTCAYAPSGNYVACGGLDNICSIYNLKTRQGNVRVSRELAGHTGYLSCCRFLDDNQIVTS
SGDTTCALWDIETGQQTTTFTGHTGDVMSLSLAPDTRLFVSGACDASAKLWDVREGMCRQTFTGHESDINAICFFPDGNA
FATGSDDATCRLFDLRADQELMTYSHDNIICGITSVSFSKSGRLLLAGYDDFNCNVWDALKADRAGVLAGHDNRVSCLGV
TDDGMAVATGSWDSFLKIWN
;
B
3 'polypeptide(L)' MASNNTASIAQARKLVQQLKMEANIDRIKVSKAAADLMAYCEAHAKEDPLLTPVPASQNPFREKKFFCAIL G
4 'polypeptide(L)'
;VQLVESGGGLVQPGGSRKLSCSASGFAFSSFGMHWVRQAPEKGLEWVAYISSGSGTIYYADTVKGRFTISRDDPKNTLFL
QMTSLRSEDTAMYYCVRSIYYYGSSPFDFWGQGTTLTVSSGGGGSGGGGSGGGGSDIVMTQATSSVPVTPGESVSISCRS
SKSLLHSNGNTYLYWFLQRPGQSPQLLIYRMSNLASGVPERFSGSGSGTAFTLTISRLEAEDVGVYYCMQHLEYPLTFGA
GTKLEL
;
N
5 'polypeptide(L)'
;MWNATPSEEPGFNLTLADLDWDASPGNDSLGDELLQLFPAPLLAGVTATCVALFVVGIAGNLLTMLVVSRFRELRTTTNL
YLSSMAFSDLLIFLCMPLDLVRLWQYRPWNFGDLLCKLFQFVSESCTYAKVLTITALSVERYFAICFPLRAKVVVTKGRV
KLVIFVIWAVAFCSAGPIFVLVGVEHENGTDPWDTNECRPTEFAVRSGLLTVMVWVSSIFFFLPVFCLTVLYSLIGRKLW
RRRRGDAVVGASLRDQNHKQTVKMLAVVVFAFILCWLPFHVGRYLFSKSFEPGSLEIAQISQYCNLVSFVLFYLSAAINP
ILYNIMSKKYRVAVFRLLGFEPFSQRKLSTLKDESSRAWTESSINT
;
R
#
loop_
_chem_comp.id
_chem_comp.type
_chem_comp.name
_chem_comp.formula
1KD non-polymer 1-(methanesulfonyl)-1'-(2-methyl-L-alanyl-O-benzyl-D-seryl)-1,2-dihydrospiro[indole-3,4'-piperidine] 'C27 H36 N4 O5 S'
CLR non-polymer CHOLESTEROL 'C27 H46 O'
#
# COMPACT_ATOMS: atom_id res chain seq x y z
N LEU A 5 15.37 -3.93 23.13
CA LEU A 5 14.24 -3.07 22.79
C LEU A 5 13.17 -3.85 22.02
N SER A 6 13.27 -5.17 22.08
CA SER A 6 12.29 -6.06 21.44
C SER A 6 12.48 -7.46 22.02
N ALA A 7 11.39 -8.10 22.43
CA ALA A 7 11.48 -9.39 23.10
C ALA A 7 10.87 -10.51 22.27
N GLU A 8 9.58 -10.43 21.95
CA GLU A 8 8.97 -11.21 20.88
C GLU A 8 8.31 -10.29 19.87
N ASP A 9 8.54 -8.98 20.02
CA ASP A 9 8.26 -8.05 18.93
C ASP A 9 9.14 -8.33 17.74
N LYS A 10 10.30 -8.96 17.95
CA LYS A 10 11.16 -9.34 16.84
C LYS A 10 10.48 -10.33 15.92
N ALA A 11 9.78 -11.32 16.46
CA ALA A 11 9.04 -12.26 15.65
C ALA A 11 7.86 -11.62 14.94
N ALA A 12 7.19 -10.66 15.57
CA ALA A 12 6.15 -9.90 14.89
C ALA A 12 6.72 -9.09 13.73
N VAL A 13 7.89 -8.47 13.92
CA VAL A 13 8.53 -7.74 12.83
C VAL A 13 8.90 -8.68 11.70
N GLU A 14 9.40 -9.88 12.04
CA GLU A 14 9.71 -10.87 11.01
C GLU A 14 8.46 -11.30 10.24
N ARG A 15 7.34 -11.49 10.94
CA ARG A 15 6.09 -11.81 10.26
C ARG A 15 5.65 -10.67 9.35
N SER A 16 5.80 -9.43 9.82
CA SER A 16 5.47 -8.27 8.99
C SER A 16 6.33 -8.20 7.75
N LYS A 17 7.63 -8.50 7.87
CA LYS A 17 8.51 -8.52 6.71
C LYS A 17 8.16 -9.63 5.73
N MET A 18 7.76 -10.81 6.24
CA MET A 18 7.28 -11.85 5.35
C MET A 18 6.01 -11.44 4.62
N ILE A 19 5.10 -10.76 5.32
CA ILE A 19 3.90 -10.23 4.69
C ILE A 19 4.27 -9.21 3.61
N ASP A 20 5.27 -8.37 3.88
CA ASP A 20 5.76 -7.43 2.88
C ASP A 20 6.30 -8.15 1.65
N ARG A 21 7.06 -9.22 1.86
CA ARG A 21 7.59 -10.01 0.75
C ARG A 21 6.45 -10.55 -0.10
N ASN A 22 5.43 -11.12 0.55
CA ASN A 22 4.29 -11.64 -0.20
C ASN A 22 3.53 -10.55 -0.93
N LEU A 23 3.36 -9.39 -0.32
CA LEU A 23 2.70 -8.27 -0.98
C LEU A 23 3.48 -7.79 -2.21
N ARG A 24 4.80 -7.70 -2.10
CA ARG A 24 5.62 -7.33 -3.24
C ARG A 24 5.54 -8.37 -4.36
N GLU A 25 5.56 -9.65 -4.02
CA GLU A 25 5.40 -10.68 -5.05
C GLU A 25 4.05 -10.58 -5.73
N ASP A 26 2.97 -10.39 -4.97
CA ASP A 26 1.65 -10.21 -5.54
C ASP A 26 1.56 -8.98 -6.42
N GLY A 27 2.16 -7.87 -6.01
CA GLY A 27 2.16 -6.67 -6.82
C GLY A 27 2.91 -6.84 -8.12
N GLU A 28 4.07 -7.51 -8.07
CA GLU A 28 4.80 -7.79 -9.29
C GLU A 28 4.01 -8.72 -10.21
N LYS A 29 3.32 -9.71 -9.65
CA LYS A 29 2.50 -10.58 -10.48
C LYS A 29 1.36 -9.81 -11.12
N ALA A 30 0.72 -8.91 -10.37
CA ALA A 30 -0.40 -8.15 -10.90
C ALA A 30 0.01 -7.08 -11.90
N ALA A 31 1.23 -6.57 -11.79
CA ALA A 31 1.72 -5.58 -12.75
C ALA A 31 1.98 -6.16 -14.13
N ARG A 32 2.00 -7.48 -14.26
CA ARG A 32 2.14 -8.13 -15.56
C ARG A 32 0.81 -8.40 -16.23
N GLU A 33 -0.30 -8.15 -15.56
CA GLU A 33 -1.61 -8.33 -16.15
C GLU A 33 -1.98 -7.12 -16.99
N VAL A 34 -2.77 -7.36 -18.04
CA VAL A 34 -3.32 -6.30 -18.87
C VAL A 34 -4.79 -6.16 -18.53
N LYS A 35 -5.16 -5.04 -17.95
CA LYS A 35 -6.53 -4.80 -17.51
C LYS A 35 -7.26 -3.99 -18.56
N LEU A 36 -8.43 -4.48 -18.98
CA LEU A 36 -9.22 -3.84 -20.01
C LEU A 36 -10.63 -3.58 -19.48
N LEU A 37 -11.04 -2.32 -19.48
CA LEU A 37 -12.39 -1.96 -19.04
C LEU A 37 -13.32 -2.06 -20.25
N LEU A 38 -14.26 -2.99 -20.20
CA LEU A 38 -15.16 -3.23 -21.33
C LEU A 38 -16.44 -2.43 -21.11
N LEU A 39 -16.72 -1.51 -22.03
CA LEU A 39 -17.86 -0.61 -21.93
C LEU A 39 -18.71 -0.70 -23.20
N GLY A 40 -19.92 -0.21 -23.09
CA GLY A 40 -20.88 -0.23 -24.18
C GLY A 40 -22.24 0.21 -23.70
N ALA A 41 -23.16 0.36 -24.65
CA ALA A 41 -24.51 0.83 -24.38
C ALA A 41 -25.53 -0.28 -24.65
N GLY A 42 -25.23 -1.49 -24.17
CA GLY A 42 -26.08 -2.64 -24.39
C GLY A 42 -25.26 -3.90 -24.53
N GLU A 43 -25.66 -4.96 -23.84
CA GLU A 43 -24.90 -6.20 -23.84
C GLU A 43 -25.04 -6.98 -25.14
N SER A 44 -25.91 -6.55 -26.05
CA SER A 44 -26.07 -7.25 -27.33
C SER A 44 -24.76 -7.36 -28.08
N GLY A 45 -23.91 -6.34 -28.01
CA GLY A 45 -22.61 -6.38 -28.66
C GLY A 45 -21.51 -6.90 -27.78
N LYS A 46 -21.51 -6.46 -26.50
CA LYS A 46 -20.46 -6.87 -25.58
C LYS A 46 -20.46 -8.38 -25.36
N SER A 47 -21.62 -9.02 -25.40
CA SER A 47 -21.70 -10.44 -25.15
C SER A 47 -21.06 -11.28 -26.24
N THR A 48 -20.98 -10.79 -27.47
CA THR A 48 -20.41 -11.58 -28.54
C THR A 48 -18.89 -11.55 -28.59
N ILE A 49 -18.25 -10.58 -27.92
CA ILE A 49 -16.79 -10.57 -27.91
C ILE A 49 -16.20 -11.35 -26.74
N VAL A 50 -16.92 -11.44 -25.61
CA VAL A 50 -16.45 -12.29 -24.53
C VAL A 50 -16.46 -13.75 -24.95
N LYS A 51 -17.36 -14.14 -25.85
CA LYS A 51 -17.30 -15.46 -26.45
C LYS A 51 -16.06 -15.61 -27.32
N GLN A 52 -15.67 -14.54 -28.02
CA GLN A 52 -14.45 -14.57 -28.82
C GLN A 52 -13.24 -14.86 -27.93
N MET A 53 -13.16 -14.21 -26.78
CA MET A 53 -12.04 -14.39 -25.88
C MET A 53 -12.09 -15.77 -25.22
N LYS A 54 -10.94 -16.24 -24.77
CA LYS A 54 -10.87 -17.53 -24.10
C LYS A 54 -11.68 -17.47 -22.81
N ILE A 55 -12.30 -18.60 -22.47
CA ILE A 55 -13.13 -18.69 -21.27
C ILE A 55 -12.26 -18.90 -20.04
N THR A 182 -25.02 -8.88 -10.93
CA THR A 182 -24.20 -9.41 -9.86
C THR A 182 -22.97 -8.52 -9.62
N GLY A 183 -22.93 -7.38 -10.30
CA GLY A 183 -21.85 -6.44 -10.13
C GLY A 183 -20.86 -6.45 -11.28
N ILE A 184 -19.59 -6.36 -10.95
CA ILE A 184 -18.55 -6.42 -11.97
C ILE A 184 -18.31 -7.88 -12.35
N VAL A 185 -18.02 -8.12 -13.62
CA VAL A 185 -17.77 -9.45 -14.13
C VAL A 185 -16.38 -9.44 -14.75
N GLU A 186 -15.45 -10.19 -14.17
CA GLU A 186 -14.09 -10.26 -14.66
C GLU A 186 -13.90 -11.50 -15.52
N THR A 187 -13.37 -11.30 -16.72
CA THR A 187 -13.06 -12.39 -17.64
C THR A 187 -11.54 -12.43 -17.77
N HIS A 188 -10.93 -13.49 -17.25
CA HIS A 188 -9.49 -13.67 -17.36
C HIS A 188 -9.20 -14.63 -18.49
N PHE A 189 -8.30 -14.23 -19.39
CA PHE A 189 -7.88 -15.12 -20.46
C PHE A 189 -6.42 -14.84 -20.79
N THR A 190 -5.87 -15.68 -21.66
CA THR A 190 -4.47 -15.60 -22.03
C THR A 190 -4.34 -15.70 -23.53
N PHE A 191 -3.66 -14.73 -24.13
CA PHE A 191 -3.38 -14.74 -25.57
C PHE A 191 -1.89 -14.54 -25.77
N LYS A 192 -1.26 -15.50 -26.46
CA LYS A 192 0.16 -15.42 -26.80
C LYS A 192 1.01 -15.12 -25.57
N ASP A 193 0.78 -15.89 -24.50
CA ASP A 193 1.50 -15.74 -23.23
C ASP A 193 1.36 -14.32 -22.68
N LEU A 194 0.15 -13.77 -22.78
CA LEU A 194 -0.18 -12.51 -22.15
C LEU A 194 -1.49 -12.69 -21.40
N HIS A 195 -1.52 -12.24 -20.14
CA HIS A 195 -2.67 -12.44 -19.26
C HIS A 195 -3.54 -11.19 -19.28
N PHE A 196 -4.72 -11.30 -19.89
CA PHE A 196 -5.70 -10.23 -19.91
C PHE A 196 -6.78 -10.46 -18.87
N LYS A 197 -7.11 -9.40 -18.14
CA LYS A 197 -8.27 -9.36 -17.25
C LYS A 197 -9.19 -8.28 -17.78
N MET A 198 -10.36 -8.67 -18.25
CA MET A 198 -11.30 -7.73 -18.86
C MET A 198 -12.52 -7.60 -17.96
N PHE A 199 -12.78 -6.39 -17.48
CA PHE A 199 -13.83 -6.12 -16.52
C PHE A 199 -15.04 -5.56 -17.25
N ASP A 200 -16.13 -6.31 -17.26
CA ASP A 200 -17.42 -5.84 -17.76
C ASP A 200 -18.22 -5.31 -16.58
N VAL A 201 -18.63 -4.05 -16.66
CA VAL A 201 -19.29 -3.37 -15.57
C VAL A 201 -20.71 -2.93 -15.94
N GLY A 202 -21.29 -3.54 -16.97
CA GLY A 202 -22.63 -3.19 -17.39
C GLY A 202 -23.73 -3.64 -16.46
N GLY A 203 -23.41 -4.45 -15.45
CA GLY A 203 -24.36 -4.84 -14.43
C GLY A 203 -24.49 -3.86 -13.30
N GLN A 204 -23.78 -2.74 -13.35
CA GLN A 204 -23.84 -1.70 -12.32
C GLN A 204 -24.80 -0.62 -12.82
N ARG A 205 -26.07 -0.75 -12.42
CA ARG A 205 -27.08 0.25 -12.77
C ARG A 205 -27.11 1.37 -11.72
N SER A 206 -25.92 1.92 -11.48
CA SER A 206 -25.71 2.97 -10.49
C SER A 206 -25.13 4.20 -11.18
N GLU A 207 -24.80 5.21 -10.39
CA GLU A 207 -24.18 6.41 -10.94
C GLU A 207 -22.74 6.09 -11.33
N ARG A 208 -22.43 6.24 -12.62
CA ARG A 208 -21.12 5.85 -13.11
C ARG A 208 -20.01 6.72 -12.52
N LYS A 209 -20.35 7.95 -12.15
CA LYS A 209 -19.35 8.95 -11.71
C LYS A 209 -18.89 8.66 -10.31
N LYS A 210 -19.60 7.78 -9.65
CA LYS A 210 -19.28 7.45 -8.27
C LYS A 210 -18.32 6.28 -8.15
N TRP A 211 -18.09 5.53 -9.22
CA TRP A 211 -17.16 4.40 -9.16
C TRP A 211 -16.27 4.27 -10.38
N ILE A 212 -16.38 5.14 -11.38
CA ILE A 212 -15.55 5.01 -12.57
C ILE A 212 -14.08 5.27 -12.29
N HIS A 213 -13.76 6.12 -11.30
CA HIS A 213 -12.39 6.41 -10.97
C HIS A 213 -11.65 5.19 -10.42
N CYS A 214 -12.38 4.14 -10.06
CA CYS A 214 -11.73 2.89 -9.69
C CYS A 214 -10.92 2.31 -10.84
N PHE A 215 -11.27 2.66 -12.07
CA PHE A 215 -10.59 2.14 -13.26
C PHE A 215 -9.63 3.16 -13.86
N GLU A 216 -9.04 4.02 -13.04
CA GLU A 216 -8.16 5.06 -13.56
C GLU A 216 -6.91 4.47 -14.19
N GLY A 217 -6.35 3.43 -13.58
CA GLY A 217 -5.11 2.86 -14.06
C GLY A 217 -5.28 1.69 -15.01
N VAL A 218 -6.47 1.57 -15.60
CA VAL A 218 -6.72 0.49 -16.55
C VAL A 218 -5.85 0.68 -17.78
N THR A 219 -5.44 -0.45 -18.37
CA THR A 219 -4.54 -0.39 -19.53
C THR A 219 -5.26 0.21 -20.74
N ALA A 220 -6.48 -0.23 -21.02
CA ALA A 220 -7.23 0.26 -22.16
C ALA A 220 -8.72 0.07 -21.89
N ILE A 221 -9.52 0.76 -22.70
CA ILE A 221 -10.97 0.66 -22.67
C ILE A 221 -11.42 0.04 -23.99
N ILE A 222 -12.18 -1.04 -23.90
CA ILE A 222 -12.77 -1.69 -25.06
C ILE A 222 -14.21 -1.23 -25.15
N PHE A 223 -14.50 -0.33 -26.07
CA PHE A 223 -15.84 0.22 -26.23
C PHE A 223 -16.52 -0.50 -27.38
N CYS A 224 -17.67 -1.10 -27.11
CA CYS A 224 -18.41 -1.86 -28.10
C CYS A 224 -19.68 -1.10 -28.46
N VAL A 225 -19.84 -0.77 -29.73
CA VAL A 225 -21.08 -0.21 -30.23
C VAL A 225 -21.55 -1.06 -31.40
N ALA A 226 -22.86 -1.18 -31.54
CA ALA A 226 -23.45 -1.94 -32.62
C ALA A 226 -23.69 -1.03 -33.81
N LEU A 227 -23.32 -1.50 -34.99
CA LEU A 227 -23.53 -0.74 -36.21
C LEU A 227 -24.97 -0.80 -36.68
N SER A 228 -25.77 -1.73 -36.16
CA SER A 228 -27.13 -1.94 -36.62
C SER A 228 -28.17 -1.15 -35.82
N ASP A 229 -27.74 -0.38 -34.81
CA ASP A 229 -28.65 0.45 -34.04
C ASP A 229 -28.69 1.90 -34.52
N TYR A 230 -28.49 2.12 -35.81
CA TYR A 230 -28.63 3.45 -36.40
C TYR A 230 -30.06 3.72 -36.85
N ASP A 231 -30.98 2.78 -36.64
CA ASP A 231 -32.40 2.98 -36.87
C ASP A 231 -33.25 2.63 -35.66
N LEU A 232 -32.65 2.16 -34.57
CA LEU A 232 -33.39 1.73 -33.40
C LEU A 232 -33.40 2.84 -32.35
N VAL A 233 -34.37 2.75 -31.44
CA VAL A 233 -34.53 3.73 -30.38
C VAL A 233 -34.50 3.05 -29.02
N ASN A 241 -31.54 6.82 -32.73
CA ASN A 241 -31.59 7.28 -31.34
C ASN A 241 -30.68 6.45 -30.45
N ARG A 242 -30.56 5.16 -30.76
CA ARG A 242 -29.69 4.30 -29.99
C ARG A 242 -28.22 4.56 -30.29
N MET A 243 -27.89 4.80 -31.56
CA MET A 243 -26.52 5.17 -31.91
C MET A 243 -26.13 6.49 -31.27
N HIS A 244 -27.06 7.42 -31.16
CA HIS A 244 -26.78 8.68 -30.49
C HIS A 244 -26.51 8.51 -29.01
N GLU A 245 -27.19 7.57 -28.35
CA GLU A 245 -26.87 7.26 -26.97
C GLU A 245 -25.52 6.57 -26.85
N SER A 246 -25.17 5.70 -27.81
CA SER A 246 -23.82 5.15 -27.85
C SER A 246 -22.78 6.26 -27.94
N MET A 247 -23.02 7.25 -28.79
CA MET A 247 -22.13 8.40 -28.87
C MET A 247 -22.08 9.19 -27.58
N LYS A 248 -23.22 9.39 -26.92
CA LYS A 248 -23.23 10.09 -25.64
C LYS A 248 -22.32 9.39 -24.64
N LEU A 249 -22.46 8.06 -24.52
CA LEU A 249 -21.63 7.31 -23.60
C LEU A 249 -20.16 7.33 -24.00
N PHE A 250 -19.86 7.19 -25.30
CA PHE A 250 -18.48 7.23 -25.76
C PHE A 250 -17.84 8.58 -25.47
N ASP A 251 -18.57 9.67 -25.70
CA ASP A 251 -18.04 10.99 -25.41
C ASP A 251 -17.86 11.20 -23.91
N SER A 252 -18.79 10.70 -23.10
CA SER A 252 -18.65 10.84 -21.65
C SER A 252 -17.46 10.06 -21.12
N ILE A 253 -17.20 8.88 -21.67
CA ILE A 253 -16.09 8.07 -21.20
C ILE A 253 -14.75 8.58 -21.72
N CYS A 254 -14.67 8.88 -23.01
CA CYS A 254 -13.41 9.27 -23.62
C CYS A 254 -12.88 10.58 -23.05
N ASN A 255 -13.76 11.47 -22.62
CA ASN A 255 -13.37 12.79 -22.13
C ASN A 255 -13.56 12.93 -20.63
N ASN A 256 -13.35 11.85 -19.90
CA ASN A 256 -13.29 11.92 -18.45
C ASN A 256 -11.96 12.51 -18.01
N LYS A 257 -11.91 12.95 -16.75
CA LYS A 257 -10.64 13.36 -16.17
C LYS A 257 -9.83 12.17 -15.69
N TRP A 258 -10.42 10.98 -15.62
CA TRP A 258 -9.72 9.77 -15.21
C TRP A 258 -9.14 9.01 -16.38
N PHE A 259 -9.61 9.27 -17.60
CA PHE A 259 -9.19 8.56 -18.80
C PHE A 259 -8.55 9.52 -19.80
N THR A 260 -7.74 10.45 -19.29
CA THR A 260 -7.06 11.39 -20.18
C THR A 260 -5.95 10.72 -20.98
N ASP A 261 -5.36 9.65 -20.44
CA ASP A 261 -4.30 8.93 -21.12
C ASP A 261 -4.70 7.53 -21.56
N THR A 262 -5.77 6.97 -21.00
CA THR A 262 -6.19 5.61 -21.30
C THR A 262 -6.81 5.58 -22.69
N SER A 263 -6.14 4.91 -23.62
CA SER A 263 -6.63 4.82 -24.98
C SER A 263 -7.81 3.86 -25.07
N ILE A 264 -8.53 3.93 -26.18
CA ILE A 264 -9.79 3.22 -26.35
C ILE A 264 -9.70 2.32 -27.56
N ILE A 265 -10.06 1.06 -27.38
CA ILE A 265 -10.26 0.13 -28.49
C ILE A 265 -11.75 0.14 -28.82
N LEU A 266 -12.09 0.54 -30.04
CA LEU A 266 -13.49 0.72 -30.43
C LEU A 266 -13.88 -0.42 -31.34
N PHE A 267 -14.83 -1.23 -30.90
CA PHE A 267 -15.38 -2.32 -31.70
C PHE A 267 -16.72 -1.90 -32.27
N LEU A 268 -16.85 -2.02 -33.59
CA LEU A 268 -18.09 -1.71 -34.28
C LEU A 268 -18.75 -3.04 -34.64
N ASN A 269 -19.60 -3.53 -33.74
CA ASN A 269 -20.17 -4.86 -33.85
C ASN A 269 -21.29 -4.89 -34.87
N LYS A 270 -21.80 -6.10 -35.12
CA LYS A 270 -22.92 -6.33 -36.03
C LYS A 270 -22.65 -5.74 -37.41
N LYS A 271 -21.40 -5.89 -37.86
CA LYS A 271 -21.01 -5.50 -39.20
C LYS A 271 -21.91 -6.12 -40.27
N ASP A 272 -22.41 -7.32 -40.03
CA ASP A 272 -23.20 -8.03 -41.03
C ASP A 272 -24.67 -7.63 -41.04
N LEU A 273 -25.15 -6.95 -39.99
CA LEU A 273 -26.52 -6.44 -40.00
C LEU A 273 -26.59 -5.05 -40.60
N PHE A 274 -25.66 -4.18 -40.24
CA PHE A 274 -25.50 -2.91 -40.91
C PHE A 274 -25.23 -3.08 -42.40
N GLU A 275 -24.69 -4.25 -42.78
CA GLU A 275 -24.44 -4.54 -44.18
C GLU A 275 -25.73 -4.47 -45.00
N GLU A 276 -26.77 -5.18 -44.57
CA GLU A 276 -28.00 -5.27 -45.34
C GLU A 276 -29.13 -4.42 -44.79
N LYS A 277 -28.90 -3.68 -43.69
CA LYS A 277 -29.88 -2.69 -43.26
C LYS A 277 -29.88 -1.47 -44.18
N ILE A 278 -28.69 -0.99 -44.55
CA ILE A 278 -28.58 0.23 -45.33
C ILE A 278 -29.20 0.11 -46.71
N LYS A 279 -29.31 -1.11 -47.25
CA LYS A 279 -30.02 -1.28 -48.51
C LYS A 279 -31.49 -0.90 -48.38
N LYS A 280 -32.10 -1.24 -47.24
CA LYS A 280 -33.51 -0.97 -47.02
C LYS A 280 -33.77 0.12 -45.98
N SER A 281 -32.74 0.70 -45.39
CA SER A 281 -32.90 1.73 -44.35
C SER A 281 -31.78 2.75 -44.50
N PRO A 282 -32.08 3.92 -45.07
CA PRO A 282 -31.03 4.94 -45.26
C PRO A 282 -30.37 5.33 -43.96
N LEU A 283 -29.07 5.63 -44.05
CA LEU A 283 -28.29 6.02 -42.89
C LEU A 283 -28.71 7.37 -42.34
N THR A 284 -29.31 8.23 -43.17
CA THR A 284 -29.67 9.58 -42.76
C THR A 284 -30.70 9.63 -41.65
N ILE A 285 -31.36 8.50 -41.33
CA ILE A 285 -32.25 8.47 -40.17
C ILE A 285 -31.48 8.77 -38.90
N CYS A 286 -30.18 8.46 -38.88
CA CYS A 286 -29.31 8.78 -37.75
C CYS A 286 -28.43 10.00 -38.03
N TYR A 287 -28.06 10.21 -39.29
CA TYR A 287 -27.13 11.29 -39.68
C TYR A 287 -27.79 12.11 -40.77
N PRO A 288 -28.65 13.07 -40.42
CA PRO A 288 -29.27 13.91 -41.46
C PRO A 288 -28.27 14.71 -42.28
N GLU A 289 -27.09 15.00 -41.74
CA GLU A 289 -26.08 15.78 -42.46
C GLU A 289 -25.12 14.91 -43.26
N TYR A 290 -25.31 13.59 -43.28
CA TYR A 290 -24.43 12.70 -44.01
C TYR A 290 -24.84 12.67 -45.48
N ALA A 291 -23.96 13.16 -46.35
CA ALA A 291 -24.20 13.16 -47.80
C ALA A 291 -23.24 12.16 -48.42
N GLY A 292 -23.77 11.02 -48.85
CA GLY A 292 -22.94 9.99 -49.45
C GLY A 292 -23.78 8.80 -49.84
N SER A 293 -23.16 7.89 -50.57
CA SER A 293 -23.83 6.69 -51.04
C SER A 293 -24.00 5.91 -49.75
N ASN A 294 -25.03 5.07 -49.73
CA ASN A 294 -25.24 4.15 -48.60
C ASN A 294 -24.82 2.69 -49.10
N THR A 295 -23.49 2.63 -49.14
CA THR A 295 -22.77 1.42 -49.49
C THR A 295 -22.20 1.16 -48.11
N TYR A 296 -21.81 -0.10 -47.86
CA TYR A 296 -21.27 -0.43 -46.55
C TYR A 296 -19.93 0.23 -46.32
N GLU A 297 -19.05 0.21 -47.33
CA GLU A 297 -17.69 0.71 -47.16
C GLU A 297 -17.65 2.20 -46.89
N GLU A 298 -18.66 2.95 -47.32
CA GLU A 298 -18.71 4.39 -47.08
C GLU A 298 -19.51 4.72 -45.82
N ALA A 299 -20.69 4.12 -45.68
CA ALA A 299 -21.55 4.39 -44.53
C ALA A 299 -20.94 3.91 -43.23
N ALA A 300 -20.14 2.84 -43.25
CA ALA A 300 -19.44 2.40 -42.05
C ALA A 300 -18.30 3.31 -41.67
N ALA A 301 -17.53 3.77 -42.67
CA ALA A 301 -16.47 4.73 -42.42
C ALA A 301 -17.02 6.05 -41.90
N TYR A 302 -18.20 6.46 -42.35
CA TYR A 302 -18.79 7.68 -41.80
C TYR A 302 -19.06 7.55 -40.31
N ILE A 303 -19.60 6.41 -39.88
CA ILE A 303 -19.82 6.17 -38.46
C ILE A 303 -18.49 6.14 -37.71
N GLN A 304 -17.48 5.51 -38.30
CA GLN A 304 -16.18 5.43 -37.64
C GLN A 304 -15.59 6.83 -37.43
N CYS A 305 -15.67 7.70 -38.43
CA CYS A 305 -15.20 9.07 -38.23
C CYS A 305 -16.08 9.85 -37.25
N GLN A 306 -17.40 9.63 -37.29
CA GLN A 306 -18.28 10.28 -36.34
C GLN A 306 -17.99 9.89 -34.90
N PHE A 307 -17.43 8.70 -34.67
CA PHE A 307 -17.00 8.30 -33.34
C PHE A 307 -15.60 8.78 -33.00
N GLU A 308 -14.67 8.73 -33.96
CA GLU A 308 -13.32 9.19 -33.71
C GLU A 308 -13.21 10.70 -33.63
N ASP A 309 -14.25 11.44 -34.03
CA ASP A 309 -14.29 12.88 -33.88
C ASP A 309 -14.93 13.30 -32.56
N LEU A 310 -15.04 12.39 -31.60
CA LEU A 310 -15.65 12.70 -30.32
C LEU A 310 -14.65 13.00 -29.22
N ASN A 311 -13.41 12.55 -29.33
CA ASN A 311 -12.42 12.83 -28.30
C ASN A 311 -11.83 14.23 -28.51
N LYS A 312 -11.88 15.03 -27.46
CA LYS A 312 -11.35 16.38 -27.49
C LYS A 312 -9.85 16.42 -27.20
N ARG A 313 -9.24 15.28 -26.96
CA ARG A 313 -7.81 15.19 -26.62
C ARG A 313 -7.17 14.15 -27.54
N LYS A 314 -6.76 14.61 -28.72
CA LYS A 314 -6.18 13.73 -29.73
C LYS A 314 -4.67 13.61 -29.62
N ASP A 315 -4.08 14.28 -28.63
CA ASP A 315 -2.63 14.25 -28.43
C ASP A 315 -2.20 13.44 -27.22
N THR A 316 -3.14 12.84 -26.50
CA THR A 316 -2.82 12.03 -25.33
C THR A 316 -3.28 10.58 -25.44
N LYS A 317 -4.24 10.28 -26.31
CA LYS A 317 -4.77 8.93 -26.44
C LYS A 317 -5.10 8.67 -27.90
N GLU A 318 -5.17 7.39 -28.25
CA GLU A 318 -5.54 6.95 -29.58
C GLU A 318 -6.78 6.09 -29.51
N ILE A 319 -7.59 6.13 -30.56
CA ILE A 319 -8.76 5.27 -30.70
C ILE A 319 -8.43 4.22 -31.74
N TYR A 320 -8.35 2.96 -31.33
CA TYR A 320 -8.17 1.85 -32.24
C TYR A 320 -9.54 1.28 -32.59
N THR A 321 -9.89 1.32 -33.86
CA THR A 321 -11.21 0.94 -34.33
C THR A 321 -11.11 -0.34 -35.15
N HIS A 322 -11.90 -1.35 -34.77
CA HIS A 322 -12.01 -2.58 -35.53
C HIS A 322 -13.47 -2.88 -35.82
N PHE A 323 -13.74 -3.30 -37.05
CA PHE A 323 -15.07 -3.74 -37.44
C PHE A 323 -15.20 -5.21 -37.11
N THR A 324 -15.90 -5.51 -36.02
CA THR A 324 -15.96 -6.87 -35.49
C THR A 324 -16.41 -7.85 -36.57
N CYS A 325 -15.56 -8.82 -36.86
CA CYS A 325 -15.77 -9.77 -37.95
C CYS A 325 -16.21 -11.12 -37.40
N ALA A 326 -16.58 -12.01 -38.31
CA ALA A 326 -17.05 -13.34 -37.95
C ALA A 326 -15.94 -14.22 -37.36
N THR A 327 -14.70 -14.03 -37.80
CA THR A 327 -13.62 -14.92 -37.42
C THR A 327 -13.34 -14.86 -35.92
N GLU A 328 -13.00 -16.01 -35.35
CA GLU A 328 -12.82 -16.10 -33.90
C GLU A 328 -11.57 -15.36 -33.43
N THR A 329 -10.47 -15.52 -34.15
CA THR A 329 -9.16 -15.08 -33.67
C THR A 329 -8.81 -13.65 -34.06
N LYS A 330 -9.48 -13.07 -35.06
CA LYS A 330 -9.09 -11.76 -35.56
C LYS A 330 -9.39 -10.63 -34.57
N ASN A 331 -10.51 -10.71 -33.83
CA ASN A 331 -10.81 -9.70 -32.83
C ASN A 331 -9.82 -9.70 -31.68
N VAL A 332 -9.49 -10.88 -31.15
CA VAL A 332 -8.50 -10.94 -30.09
C VAL A 332 -7.11 -10.62 -30.60
N GLN A 333 -6.81 -10.89 -31.87
CA GLN A 333 -5.55 -10.43 -32.46
C GLN A 333 -5.50 -8.90 -32.52
N PHE A 334 -6.60 -8.27 -32.91
CA PHE A 334 -6.63 -6.81 -32.93
C PHE A 334 -6.46 -6.23 -31.53
N VAL A 335 -7.12 -6.84 -30.54
CA VAL A 335 -6.94 -6.38 -29.16
C VAL A 335 -5.50 -6.55 -28.73
N PHE A 336 -4.88 -7.67 -29.10
CA PHE A 336 -3.48 -7.90 -28.77
C PHE A 336 -2.57 -6.85 -29.39
N ASP A 337 -2.79 -6.51 -30.65
CA ASP A 337 -1.99 -5.49 -31.32
C ASP A 337 -2.19 -4.12 -30.68
N ALA A 338 -3.44 -3.76 -30.37
CA ALA A 338 -3.70 -2.47 -29.74
C ALA A 338 -3.05 -2.39 -28.37
N VAL A 339 -3.13 -3.47 -27.59
CA VAL A 339 -2.48 -3.49 -26.28
C VAL A 339 -0.97 -3.42 -26.42
N THR A 340 -0.37 -4.02 -27.45
CA THR A 340 1.09 -3.93 -27.68
C THR A 340 1.50 -2.49 -27.92
N ASP A 341 0.73 -1.74 -28.70
CA ASP A 341 1.01 -0.31 -28.92
C ASP A 341 0.87 0.45 -27.63
N VAL A 342 -0.13 0.14 -26.84
CA VAL A 342 -0.41 0.93 -25.61
C VAL A 342 0.73 0.66 -24.67
N ILE A 343 1.24 -0.58 -24.67
CA ILE A 343 2.36 -0.89 -23.80
C ILE A 343 3.63 -0.21 -24.30
N ILE A 344 3.85 -0.20 -25.62
CA ILE A 344 5.04 0.47 -26.17
C ILE A 344 4.99 1.96 -25.87
N LYS A 345 3.84 2.59 -26.09
CA LYS A 345 3.73 4.03 -25.85
C LYS A 345 3.77 4.37 -24.37
N ASN A 346 3.38 3.46 -23.49
CA ASN A 346 3.56 3.68 -22.06
C ASN A 346 5.01 3.52 -21.64
N ASN A 347 5.71 2.54 -22.23
CA ASN A 347 7.14 2.37 -21.95
C ASN A 347 7.94 3.57 -22.41
N LEU A 348 7.61 4.12 -23.59
CA LEU A 348 8.30 5.33 -24.05
C LEU A 348 8.12 6.48 -23.08
N LYS A 349 6.95 6.58 -22.44
CA LYS A 349 6.74 7.59 -21.40
C LYS A 349 7.51 7.26 -20.13
N ASP A 350 7.56 5.98 -19.76
CA ASP A 350 8.29 5.59 -18.55
C ASP A 350 9.78 5.83 -18.68
N CYS A 351 10.35 5.58 -19.86
CA CYS A 351 11.76 5.78 -20.11
C CYS A 351 12.11 7.23 -20.38
N GLY A 352 11.14 8.14 -20.30
CA GLY A 352 11.41 9.55 -20.48
C GLY A 352 11.61 9.98 -21.92
N LEU A 353 11.40 9.09 -22.89
CA LEU A 353 11.60 9.43 -24.29
C LEU A 353 10.37 10.05 -24.94
N PHE A 354 9.23 10.08 -24.26
CA PHE A 354 8.01 10.56 -24.87
C PHE A 354 7.02 11.02 -23.80
N ASP B 5 -54.04 15.12 -9.03
CA ASP B 5 -52.70 15.35 -8.49
C ASP B 5 -52.80 15.79 -7.02
N GLU B 6 -53.89 15.40 -6.37
CA GLU B 6 -54.13 15.78 -4.99
C GLU B 6 -53.02 15.28 -4.07
N LEU B 7 -52.84 13.97 -4.01
CA LEU B 7 -51.83 13.36 -3.15
C LEU B 7 -50.42 13.56 -3.68
N ARG B 8 -50.26 14.07 -4.91
CA ARG B 8 -48.95 14.45 -5.40
C ARG B 8 -48.57 15.87 -5.01
N GLN B 9 -49.50 16.66 -4.49
CA GLN B 9 -49.22 17.99 -4.00
C GLN B 9 -49.37 18.13 -2.50
N GLU B 10 -50.16 17.26 -1.86
CA GLU B 10 -50.16 17.21 -0.40
C GLU B 10 -48.77 16.89 0.14
N ALA B 11 -47.93 16.23 -0.67
CA ALA B 11 -46.56 15.97 -0.24
C ALA B 11 -45.76 17.26 -0.04
N GLU B 12 -45.75 18.18 -1.01
CA GLU B 12 -45.04 19.42 -0.76
C GLU B 12 -45.83 20.36 0.14
N GLN B 13 -47.13 20.15 0.31
CA GLN B 13 -47.83 20.91 1.33
C GLN B 13 -47.44 20.48 2.74
N LEU B 14 -47.11 19.20 2.93
CA LEU B 14 -46.45 18.74 4.16
C LEU B 14 -45.01 19.24 4.25
N LYS B 15 -44.30 19.28 3.14
CA LYS B 15 -42.94 19.82 3.15
C LYS B 15 -42.90 21.29 3.58
N ASN B 16 -43.86 22.08 3.12
CA ASN B 16 -43.93 23.48 3.52
C ASN B 16 -44.11 23.61 5.02
N GLN B 17 -44.99 22.80 5.61
CA GLN B 17 -45.20 22.89 7.05
C GLN B 17 -44.05 22.30 7.85
N ILE B 18 -43.32 21.31 7.31
CA ILE B 18 -42.09 20.86 7.96
C ILE B 18 -41.10 22.01 8.02
N ARG B 19 -40.91 22.71 6.89
CA ARG B 19 -39.99 23.84 6.87
C ARG B 19 -40.45 24.95 7.80
N ASP B 20 -41.74 25.26 7.82
CA ASP B 20 -42.25 26.31 8.70
C ASP B 20 -42.18 25.92 10.17
N ALA B 21 -42.27 24.64 10.50
CA ALA B 21 -42.16 24.18 11.87
C ALA B 21 -40.72 24.12 12.35
N ARG B 22 -39.78 23.81 11.47
CA ARG B 22 -38.37 23.81 11.86
C ARG B 22 -37.72 25.17 11.64
N LYS B 23 -38.45 26.14 11.10
CA LYS B 23 -38.01 27.53 11.11
C LYS B 23 -38.47 28.28 12.34
N ALA B 24 -39.52 27.81 13.01
CA ALA B 24 -39.94 28.42 14.26
C ALA B 24 -39.00 28.08 15.41
N CYS B 25 -38.20 27.04 15.27
CA CYS B 25 -37.20 26.66 16.27
C CYS B 25 -35.85 27.32 16.01
N ALA B 26 -35.71 28.06 14.90
CA ALA B 26 -34.46 28.75 14.58
C ALA B 26 -34.54 30.14 15.18
N ASP B 27 -34.23 30.24 16.47
CA ASP B 27 -34.23 31.52 17.17
C ASP B 27 -32.85 32.14 17.28
N ALA B 28 -31.81 31.32 17.42
CA ALA B 28 -30.44 31.82 17.46
C ALA B 28 -29.54 30.78 16.80
N THR B 29 -28.56 31.26 16.04
CA THR B 29 -27.68 30.38 15.30
C THR B 29 -26.58 29.86 16.21
N LEU B 30 -25.98 28.72 15.82
CA LEU B 30 -24.84 28.19 16.56
C LEU B 30 -23.68 29.18 16.62
N SER B 31 -23.51 30.00 15.58
CA SER B 31 -22.51 31.06 15.64
C SER B 31 -22.84 32.06 16.74
N GLN B 32 -24.10 32.50 16.80
CA GLN B 32 -24.50 33.46 17.83
C GLN B 32 -24.33 32.91 19.24
N ILE B 33 -24.45 31.59 19.40
CA ILE B 33 -24.34 30.98 20.72
C ILE B 33 -22.88 30.81 21.11
N THR B 34 -22.08 30.22 20.22
CA THR B 34 -20.66 29.95 20.49
C THR B 34 -19.77 31.11 20.09
N ASN B 35 -20.30 32.33 20.05
CA ASN B 35 -19.50 33.48 19.68
C ASN B 35 -18.49 33.83 20.77
N ASN B 36 -18.91 33.79 22.03
CA ASN B 36 -18.07 34.26 23.12
C ASN B 36 -17.05 33.23 23.59
N ILE B 37 -17.16 31.98 23.16
CA ILE B 37 -16.20 30.98 23.58
C ILE B 37 -14.86 31.21 22.88
N ASP B 38 -13.79 30.87 23.58
CA ASP B 38 -12.46 31.09 23.07
C ASP B 38 -12.19 30.18 21.88
N PRO B 39 -11.59 30.72 20.81
CA PRO B 39 -11.24 29.88 19.68
C PRO B 39 -10.14 28.90 20.05
N VAL B 40 -10.15 27.74 19.38
CA VAL B 40 -9.09 26.76 19.58
C VAL B 40 -7.79 27.37 19.10
N GLY B 41 -6.67 26.81 19.51
CA GLY B 41 -5.39 27.30 19.08
C GLY B 41 -5.15 27.01 17.61
N ARG B 42 -3.87 27.00 17.24
CA ARG B 42 -3.52 26.52 15.92
C ARG B 42 -3.27 25.02 16.02
N ILE B 43 -4.10 24.24 15.33
CA ILE B 43 -4.08 22.79 15.43
C ILE B 43 -3.01 22.29 14.47
N GLN B 44 -1.82 22.04 14.98
CA GLN B 44 -0.66 21.64 14.18
C GLN B 44 -0.29 20.21 14.54
N MET B 45 -0.84 19.26 13.79
CA MET B 45 -0.52 17.85 13.97
C MET B 45 0.65 17.47 13.08
N ARG B 46 1.69 16.90 13.67
CA ARG B 46 2.79 16.31 12.93
C ARG B 46 2.48 14.84 12.64
N THR B 47 2.90 14.39 11.47
CA THR B 47 2.72 12.98 11.15
C THR B 47 3.72 12.14 11.95
N ARG B 48 3.20 11.11 12.61
CA ARG B 48 3.99 10.26 13.49
C ARG B 48 4.30 8.90 12.86
N ARG B 49 3.37 8.36 12.08
CA ARG B 49 3.55 7.06 11.46
C ARG B 49 3.15 7.15 9.99
N THR B 50 3.86 6.40 9.16
CA THR B 50 3.49 6.21 7.77
C THR B 50 3.44 4.72 7.49
N LEU B 51 2.33 4.25 6.95
CA LEU B 51 2.11 2.85 6.66
C LEU B 51 2.29 2.64 5.17
N ARG B 52 3.23 1.76 4.79
CA ARG B 52 3.75 1.74 3.43
C ARG B 52 3.64 0.36 2.79
N GLY B 53 2.48 -0.27 2.86
CA GLY B 53 2.33 -1.60 2.31
C GLY B 53 1.45 -1.71 1.09
N HIS B 54 0.46 -0.84 0.98
CA HIS B 54 -0.48 -0.90 -0.13
C HIS B 54 0.19 -0.42 -1.42
N LEU B 55 -0.20 -1.03 -2.54
CA LEU B 55 0.39 -0.72 -3.83
C LEU B 55 -0.55 0.03 -4.76
N ALA B 56 -1.82 0.14 -4.41
CA ALA B 56 -2.80 0.92 -5.18
C ALA B 56 -3.47 1.91 -4.24
N LYS B 57 -4.45 2.63 -4.77
CA LYS B 57 -5.12 3.66 -3.98
C LYS B 57 -5.91 3.03 -2.85
N ILE B 58 -5.80 3.61 -1.66
CA ILE B 58 -6.53 3.15 -0.48
C ILE B 58 -7.91 3.78 -0.49
N TYR B 59 -8.95 2.96 -0.35
CA TYR B 59 -10.31 3.47 -0.43
C TYR B 59 -11.00 3.60 0.91
N ALA B 60 -10.59 2.84 1.92
CA ALA B 60 -11.22 2.95 3.23
C ALA B 60 -10.28 2.43 4.29
N MET B 61 -10.45 2.95 5.51
CA MET B 61 -9.78 2.44 6.69
C MET B 61 -10.76 2.49 7.85
N HIS B 62 -10.44 1.73 8.90
CA HIS B 62 -11.26 1.77 10.11
C HIS B 62 -10.40 1.37 11.30
N TRP B 63 -10.46 2.17 12.35
CA TRP B 63 -9.73 1.88 13.58
C TRP B 63 -10.40 0.77 14.37
N GLY B 64 -9.59 0.07 15.17
CA GLY B 64 -10.14 -0.82 16.16
C GLY B 64 -10.57 -0.08 17.40
N THR B 65 -11.45 -0.72 18.17
CA THR B 65 -11.90 -0.11 19.41
C THR B 65 -10.80 -0.03 20.46
N ASP B 66 -9.71 -0.76 20.28
CA ASP B 66 -8.55 -0.64 21.17
C ASP B 66 -7.62 0.49 20.79
N SER B 67 -7.93 1.23 19.72
CA SER B 67 -7.20 2.40 19.29
C SER B 67 -5.77 2.09 18.87
N ARG B 68 -5.46 0.83 18.60
CA ARG B 68 -4.13 0.43 18.17
C ARG B 68 -4.13 -0.23 16.79
N LEU B 69 -5.01 -1.19 16.57
CA LEU B 69 -5.09 -1.89 15.30
C LEU B 69 -6.02 -1.15 14.35
N LEU B 70 -5.70 -1.18 13.06
CA LEU B 70 -6.56 -0.56 12.08
C LEU B 70 -6.53 -1.36 10.78
N VAL B 71 -7.68 -1.51 10.16
CA VAL B 71 -7.78 -2.22 8.89
C VAL B 71 -7.91 -1.18 7.78
N SER B 72 -7.30 -1.48 6.63
CA SER B 72 -7.38 -0.60 5.47
C SER B 72 -7.56 -1.45 4.22
N ALA B 73 -8.42 -0.97 3.32
CA ALA B 73 -8.73 -1.65 2.08
C ALA B 73 -8.14 -0.88 0.92
N SER B 74 -7.48 -1.58 0.00
CA SER B 74 -6.96 -0.95 -1.19
C SER B 74 -7.39 -1.74 -2.42
N GLN B 75 -7.41 -1.07 -3.56
CA GLN B 75 -7.83 -1.68 -4.81
C GLN B 75 -6.71 -2.48 -5.47
N ASP B 76 -5.63 -2.74 -4.76
CA ASP B 76 -4.67 -3.77 -5.16
C ASP B 76 -5.13 -5.15 -4.74
N GLY B 77 -6.40 -5.28 -4.31
CA GLY B 77 -6.92 -6.55 -3.87
C GLY B 77 -6.52 -6.94 -2.47
N LYS B 78 -6.17 -5.99 -1.62
CA LYS B 78 -5.65 -6.29 -0.30
C LYS B 78 -6.44 -5.57 0.79
N LEU B 79 -6.51 -6.24 1.94
CA LEU B 79 -7.12 -5.71 3.16
C LEU B 79 -6.07 -5.92 4.25
N ILE B 80 -5.35 -4.88 4.60
CA ILE B 80 -4.22 -5.00 5.51
C ILE B 80 -4.63 -4.52 6.89
N ILE B 81 -4.32 -5.32 7.90
CA ILE B 81 -4.55 -4.97 9.29
C ILE B 81 -3.21 -4.63 9.91
N TRP B 82 -3.07 -3.36 10.32
CA TRP B 82 -1.84 -2.78 10.82
C TRP B 82 -1.90 -2.64 12.33
N ASP B 83 -0.76 -2.88 12.98
CA ASP B 83 -0.51 -2.43 14.35
C ASP B 83 0.10 -1.04 14.23
N SER B 84 -0.68 -0.02 14.56
CA SER B 84 -0.27 1.35 14.32
C SER B 84 0.82 1.85 15.25
N TYR B 85 1.03 1.20 16.40
CA TYR B 85 2.08 1.64 17.30
C TYR B 85 3.46 1.29 16.77
N THR B 86 3.58 0.22 15.99
CA THR B 86 4.86 -0.25 15.49
C THR B 86 4.92 -0.35 13.97
N THR B 87 3.86 0.06 13.28
CA THR B 87 3.75 -0.06 11.81
C THR B 87 3.88 -1.50 11.35
N ASN B 88 3.56 -2.45 12.23
CA ASN B 88 3.66 -3.87 11.90
C ASN B 88 2.37 -4.32 11.23
N LYS B 89 2.51 -5.08 10.16
CA LYS B 89 1.36 -5.65 9.47
C LYS B 89 0.91 -6.89 10.21
N VAL B 90 -0.17 -6.76 10.97
CA VAL B 90 -0.71 -7.93 11.67
C VAL B 90 -1.28 -8.93 10.68
N HIS B 91 -2.02 -8.45 9.68
CA HIS B 91 -2.63 -9.35 8.71
C HIS B 91 -2.65 -8.72 7.33
N ALA B 92 -2.76 -9.58 6.31
CA ALA B 92 -2.94 -9.14 4.93
C ALA B 92 -3.90 -10.12 4.26
N ILE B 93 -5.16 -9.73 4.12
CA ILE B 93 -6.19 -10.59 3.56
C ILE B 93 -6.27 -10.33 2.06
N PRO B 94 -6.15 -11.35 1.21
CA PRO B 94 -6.43 -11.15 -0.22
C PRO B 94 -7.89 -11.32 -0.52
N LEU B 95 -8.48 -10.36 -1.22
CA LEU B 95 -9.92 -10.36 -1.46
C LEU B 95 -10.24 -11.05 -2.78
N ARG B 96 -11.44 -11.64 -2.84
CA ARG B 96 -11.90 -12.27 -4.06
C ARG B 96 -12.16 -11.27 -5.17
N SER B 97 -12.47 -10.02 -4.83
CA SER B 97 -12.69 -8.96 -5.80
C SER B 97 -11.81 -7.78 -5.43
N SER B 98 -10.99 -7.33 -6.39
CA SER B 98 -10.08 -6.22 -6.14
C SER B 98 -10.81 -4.90 -5.99
N TRP B 99 -12.08 -4.83 -6.36
CA TRP B 99 -12.81 -3.56 -6.42
C TRP B 99 -13.52 -3.32 -5.09
N VAL B 100 -12.71 -3.04 -4.07
CA VAL B 100 -13.18 -2.78 -2.73
C VAL B 100 -13.18 -1.28 -2.49
N MET B 101 -14.28 -0.77 -1.96
CA MET B 101 -14.36 0.65 -1.63
C MET B 101 -14.88 0.91 -0.22
N THR B 102 -14.90 -0.10 0.65
CA THR B 102 -15.26 0.11 2.04
C THR B 102 -14.66 -1.00 2.88
N CYS B 103 -14.51 -0.72 4.17
CA CYS B 103 -14.05 -1.72 5.11
C CYS B 103 -14.50 -1.31 6.50
N ALA B 104 -14.78 -2.31 7.34
CA ALA B 104 -15.16 -2.07 8.72
C ALA B 104 -14.43 -3.07 9.61
N TYR B 105 -14.17 -2.66 10.85
CA TYR B 105 -13.50 -3.51 11.81
C TYR B 105 -14.45 -3.71 12.98
N ALA B 106 -14.70 -4.96 13.35
CA ALA B 106 -15.71 -5.25 14.35
C ALA B 106 -15.30 -4.67 15.71
N PRO B 107 -16.28 -4.21 16.51
CA PRO B 107 -15.94 -3.67 17.83
C PRO B 107 -15.28 -4.69 18.74
N SER B 108 -15.63 -5.96 18.63
CA SER B 108 -14.95 -6.99 19.40
C SER B 108 -13.55 -7.25 18.87
N GLY B 109 -13.31 -6.98 17.59
CA GLY B 109 -12.03 -7.22 16.97
C GLY B 109 -11.87 -8.57 16.33
N ASN B 110 -12.86 -9.46 16.45
CA ASN B 110 -12.75 -10.78 15.87
C ASN B 110 -12.97 -10.80 14.36
N TYR B 111 -13.70 -9.84 13.83
CA TYR B 111 -14.11 -9.87 12.42
C TYR B 111 -13.75 -8.55 11.74
N VAL B 112 -13.60 -8.63 10.41
CA VAL B 112 -13.53 -7.45 9.57
C VAL B 112 -14.54 -7.62 8.44
N ALA B 113 -14.85 -6.52 7.78
CA ALA B 113 -15.78 -6.54 6.66
C ALA B 113 -15.21 -5.74 5.51
N CYS B 114 -15.61 -6.12 4.30
CA CYS B 114 -15.21 -5.36 3.12
C CYS B 114 -16.29 -5.51 2.06
N GLY B 115 -16.23 -4.64 1.06
CA GLY B 115 -17.20 -4.68 -0.01
C GLY B 115 -16.88 -3.65 -1.06
N GLY B 116 -17.63 -3.72 -2.16
CA GLY B 116 -17.39 -2.81 -3.26
C GLY B 116 -18.23 -3.10 -4.49
N LEU B 117 -17.58 -3.10 -5.65
CA LEU B 117 -18.27 -3.27 -6.92
C LEU B 117 -18.80 -4.68 -7.15
N ASP B 118 -18.45 -5.64 -6.29
CA ASP B 118 -18.95 -7.00 -6.44
C ASP B 118 -20.32 -7.20 -5.83
N ASN B 119 -20.88 -6.16 -5.21
CA ASN B 119 -22.19 -6.17 -4.57
C ASN B 119 -22.27 -7.09 -3.36
N ILE B 120 -21.12 -7.47 -2.80
CA ILE B 120 -21.05 -8.43 -1.72
C ILE B 120 -20.42 -7.75 -0.51
N CYS B 121 -20.94 -8.05 0.68
CA CYS B 121 -20.29 -7.70 1.92
C CYS B 121 -19.62 -8.95 2.48
N SER B 122 -18.29 -8.98 2.42
CA SER B 122 -17.53 -10.14 2.86
C SER B 122 -17.10 -9.93 4.30
N ILE B 123 -17.46 -10.87 5.16
CA ILE B 123 -17.10 -10.86 6.57
C ILE B 123 -16.00 -11.88 6.78
N TYR B 124 -14.84 -11.41 7.24
CA TYR B 124 -13.65 -12.23 7.45
C TYR B 124 -13.43 -12.44 8.93
N ASN B 125 -13.21 -13.69 9.32
CA ASN B 125 -12.94 -14.04 10.71
C ASN B 125 -11.43 -13.96 10.96
N LEU B 126 -11.03 -13.13 11.92
CA LEU B 126 -9.62 -12.92 12.17
C LEU B 126 -9.03 -13.94 13.13
N LYS B 127 -9.85 -14.51 14.01
CA LYS B 127 -9.39 -15.34 15.11
C LYS B 127 -9.92 -16.75 14.92
N THR B 128 -9.19 -17.56 14.16
CA THR B 128 -9.52 -18.95 13.89
C THR B 128 -8.52 -19.86 14.57
N ARG B 129 -8.89 -21.14 14.69
CA ARG B 129 -7.97 -22.12 15.25
C ARG B 129 -6.75 -22.30 14.37
N GLN B 130 -6.91 -22.15 13.06
CA GLN B 130 -5.79 -22.09 12.14
C GLN B 130 -5.17 -20.70 12.20
N GLY B 131 -4.05 -20.52 11.52
CA GLY B 131 -3.35 -19.26 11.57
C GLY B 131 -3.73 -18.24 10.53
N ASN B 132 -4.71 -18.54 9.69
CA ASN B 132 -5.07 -17.67 8.58
C ASN B 132 -6.39 -16.97 8.87
N VAL B 133 -6.65 -15.92 8.08
CA VAL B 133 -7.94 -15.25 8.09
C VAL B 133 -8.84 -15.92 7.08
N ARG B 134 -10.05 -16.28 7.51
CA ARG B 134 -10.97 -17.05 6.70
C ARG B 134 -12.20 -16.21 6.39
N VAL B 135 -12.77 -16.44 5.20
CA VAL B 135 -13.99 -15.75 4.82
C VAL B 135 -15.15 -16.35 5.60
N SER B 136 -15.60 -15.65 6.63
CA SER B 136 -16.66 -16.18 7.48
C SER B 136 -18.01 -16.16 6.77
N ARG B 137 -18.30 -15.09 6.03
CA ARG B 137 -19.64 -14.94 5.46
C ARG B 137 -19.56 -14.06 4.22
N GLU B 138 -20.52 -14.22 3.32
CA GLU B 138 -20.68 -13.35 2.16
C GLU B 138 -22.15 -12.96 2.06
N LEU B 139 -22.43 -11.68 2.25
CA LEU B 139 -23.79 -11.15 2.22
C LEU B 139 -24.06 -10.61 0.83
N ALA B 140 -25.10 -11.12 0.18
CA ALA B 140 -25.26 -11.04 -1.27
C ALA B 140 -26.68 -10.60 -1.64
N GLY B 141 -27.16 -9.52 -1.01
CA GLY B 141 -28.50 -9.05 -1.29
C GLY B 141 -28.59 -7.77 -2.07
N HIS B 142 -27.59 -6.89 -1.93
CA HIS B 142 -27.60 -5.61 -2.60
C HIS B 142 -27.46 -5.78 -4.11
N THR B 143 -28.06 -4.86 -4.85
CA THR B 143 -27.95 -4.85 -6.31
C THR B 143 -27.15 -3.66 -6.84
N GLY B 144 -26.57 -2.86 -5.96
CA GLY B 144 -25.67 -1.79 -6.36
C GLY B 144 -24.41 -1.84 -5.50
N TYR B 145 -23.38 -1.15 -5.97
CA TYR B 145 -22.08 -1.22 -5.32
C TYR B 145 -22.22 -0.88 -3.85
N LEU B 146 -21.48 -1.60 -3.01
CA LEU B 146 -21.60 -1.45 -1.58
C LEU B 146 -20.55 -0.44 -1.11
N SER B 147 -21.01 0.70 -0.58
CA SER B 147 -20.14 1.83 -0.32
C SER B 147 -19.75 2.01 1.13
N CYS B 148 -20.51 1.45 2.07
CA CYS B 148 -20.12 1.51 3.48
C CYS B 148 -20.73 0.32 4.20
N CYS B 149 -20.08 -0.04 5.31
CA CYS B 149 -20.57 -1.09 6.19
C CYS B 149 -20.08 -0.80 7.60
N ARG B 150 -20.90 -1.11 8.59
CA ARG B 150 -20.55 -0.85 9.98
C ARG B 150 -21.10 -1.97 10.85
N PHE B 151 -20.23 -2.55 11.68
CA PHE B 151 -20.65 -3.60 12.59
C PHE B 151 -21.43 -3.03 13.75
N LEU B 152 -22.58 -3.65 14.05
CA LEU B 152 -23.26 -3.37 15.31
C LEU B 152 -22.69 -4.23 16.44
N ASP B 153 -22.58 -5.52 16.19
CA ASP B 153 -21.89 -6.45 17.07
C ASP B 153 -21.29 -7.54 16.17
N ASP B 154 -20.91 -8.66 16.76
CA ASP B 154 -20.30 -9.73 15.98
C ASP B 154 -21.29 -10.38 15.02
N ASN B 155 -22.60 -10.22 15.24
CA ASN B 155 -23.59 -10.89 14.42
C ASN B 155 -24.38 -9.98 13.51
N GLN B 156 -24.37 -8.67 13.73
CA GLN B 156 -25.16 -7.75 12.92
C GLN B 156 -24.26 -6.73 12.26
N ILE B 157 -24.62 -6.34 11.04
CA ILE B 157 -23.89 -5.34 10.27
C ILE B 157 -24.88 -4.57 9.41
N VAL B 158 -24.66 -3.26 9.31
CA VAL B 158 -25.47 -2.39 8.45
C VAL B 158 -24.60 -1.96 7.29
N THR B 159 -25.11 -2.14 6.08
CA THR B 159 -24.40 -1.79 4.87
C THR B 159 -25.21 -0.78 4.06
N SER B 160 -24.51 0.14 3.41
CA SER B 160 -25.12 1.07 2.47
C SER B 160 -24.64 0.74 1.07
N SER B 161 -25.51 0.93 0.09
CA SER B 161 -25.21 0.45 -1.25
C SER B 161 -25.62 1.49 -2.28
N GLY B 162 -25.18 1.26 -3.51
CA GLY B 162 -25.51 2.08 -4.66
C GLY B 162 -26.84 1.76 -5.30
N ASP B 163 -27.61 0.85 -4.74
CA ASP B 163 -28.98 0.62 -5.16
C ASP B 163 -29.97 1.48 -4.38
N THR B 164 -29.50 2.58 -3.79
CA THR B 164 -30.30 3.56 -3.06
C THR B 164 -30.96 2.97 -1.82
N THR B 165 -30.41 1.90 -1.26
CA THR B 165 -30.97 1.28 -0.07
C THR B 165 -29.86 0.95 0.92
N CYS B 166 -30.24 0.91 2.19
CA CYS B 166 -29.39 0.38 3.24
C CYS B 166 -29.97 -0.94 3.73
N ALA B 167 -29.16 -1.71 4.45
CA ALA B 167 -29.62 -3.01 4.91
C ALA B 167 -28.97 -3.36 6.24
N LEU B 168 -29.75 -4.02 7.08
CA LEU B 168 -29.29 -4.60 8.33
C LEU B 168 -29.36 -6.12 8.19
N TRP B 169 -28.19 -6.76 8.30
CA TRP B 169 -28.05 -8.20 8.15
C TRP B 169 -27.87 -8.85 9.51
N ASP B 170 -28.05 -10.17 9.53
CA ASP B 170 -27.50 -10.99 10.60
C ASP B 170 -26.53 -11.98 9.96
N ILE B 171 -25.31 -12.00 10.47
CA ILE B 171 -24.23 -12.69 9.78
C ILE B 171 -24.41 -14.21 9.84
N GLU B 172 -25.00 -14.72 10.92
CA GLU B 172 -25.10 -16.17 11.08
C GLU B 172 -25.95 -16.80 9.99
N THR B 173 -27.08 -16.21 9.65
CA THR B 173 -27.94 -16.76 8.62
C THR B 173 -27.66 -16.20 7.24
N GLY B 174 -27.01 -15.05 7.14
CA GLY B 174 -26.63 -14.48 5.87
C GLY B 174 -27.71 -13.72 5.15
N GLN B 175 -28.94 -13.68 5.68
CA GLN B 175 -30.00 -12.88 5.12
C GLN B 175 -30.06 -11.51 5.80
N GLN B 176 -30.58 -10.53 5.07
CA GLN B 176 -30.74 -9.18 5.60
C GLN B 176 -32.06 -9.11 6.34
N THR B 177 -32.00 -8.79 7.63
CA THR B 177 -33.20 -8.76 8.45
C THR B 177 -34.00 -7.49 8.28
N THR B 178 -33.40 -6.43 7.74
CA THR B 178 -34.13 -5.18 7.55
C THR B 178 -33.58 -4.47 6.32
N THR B 179 -34.45 -3.82 5.56
CA THR B 179 -34.03 -2.96 4.47
C THR B 179 -34.57 -1.56 4.67
N PHE B 180 -33.70 -0.58 4.49
CA PHE B 180 -34.02 0.84 4.67
C PHE B 180 -34.09 1.47 3.29
N THR B 181 -35.30 1.84 2.86
CA THR B 181 -35.56 2.29 1.50
C THR B 181 -36.26 3.65 1.53
N GLY B 182 -35.48 4.71 1.66
CA GLY B 182 -36.03 6.05 1.53
C GLY B 182 -35.34 6.90 0.48
N HIS B 183 -34.06 6.63 0.24
CA HIS B 183 -33.26 7.49 -0.61
C HIS B 183 -33.67 7.32 -2.07
N THR B 184 -33.37 8.35 -2.86
CA THR B 184 -33.59 8.32 -4.30
C THR B 184 -32.28 8.34 -5.08
N GLY B 185 -31.15 8.50 -4.41
CA GLY B 185 -29.85 8.42 -5.03
C GLY B 185 -28.97 7.40 -4.33
N ASP B 186 -27.79 7.20 -4.90
CA ASP B 186 -26.86 6.22 -4.34
C ASP B 186 -26.50 6.60 -2.92
N VAL B 187 -26.61 5.65 -2.00
CA VAL B 187 -26.23 5.91 -0.62
C VAL B 187 -24.73 5.77 -0.49
N MET B 188 -24.05 6.87 -0.17
CA MET B 188 -22.60 6.91 -0.22
C MET B 188 -21.94 6.77 1.13
N SER B 189 -22.59 7.17 2.22
CA SER B 189 -21.94 7.09 3.51
C SER B 189 -22.94 6.73 4.59
N LEU B 190 -22.41 6.26 5.71
CA LEU B 190 -23.20 5.66 6.77
C LEU B 190 -22.46 5.79 8.08
N SER B 191 -23.19 6.15 9.13
CA SER B 191 -22.61 6.33 10.45
C SER B 191 -23.55 5.78 11.50
N LEU B 192 -23.01 4.97 12.42
CA LEU B 192 -23.80 4.41 13.50
C LEU B 192 -23.77 5.30 14.72
N ALA B 193 -24.91 5.41 15.39
CA ALA B 193 -24.99 6.16 16.63
C ALA B 193 -24.15 5.47 17.71
N PRO B 194 -23.68 6.23 18.71
CA PRO B 194 -22.88 5.62 19.77
C PRO B 194 -23.60 4.50 20.51
N ASP B 195 -24.92 4.56 20.63
CA ASP B 195 -25.68 3.48 21.24
C ASP B 195 -26.18 2.46 20.21
N THR B 196 -25.94 2.70 18.93
CA THR B 196 -26.30 1.77 17.84
C THR B 196 -27.78 1.44 17.84
N ARG B 197 -28.61 2.41 18.21
CA ARG B 197 -30.05 2.31 18.02
C ARG B 197 -30.53 3.13 16.84
N LEU B 198 -29.66 3.99 16.30
CA LEU B 198 -29.95 4.85 15.15
C LEU B 198 -28.73 4.88 14.26
N PHE B 199 -28.92 5.26 13.00
CA PHE B 199 -27.79 5.53 12.15
C PHE B 199 -28.21 6.50 11.05
N VAL B 200 -27.25 7.30 10.61
CA VAL B 200 -27.49 8.27 9.55
C VAL B 200 -26.86 7.77 8.27
N SER B 201 -27.55 8.02 7.16
CA SER B 201 -27.04 7.63 5.85
C SER B 201 -27.11 8.83 4.93
N GLY B 202 -26.00 9.16 4.29
CA GLY B 202 -25.93 10.27 3.35
C GLY B 202 -25.79 9.76 1.93
N ALA B 203 -26.64 10.27 1.05
CA ALA B 203 -26.76 9.71 -0.30
C ALA B 203 -26.51 10.77 -1.36
N CYS B 204 -26.62 10.37 -2.61
CA CYS B 204 -26.40 11.23 -3.76
C CYS B 204 -27.62 12.10 -4.11
N ASP B 205 -28.76 11.91 -3.44
CA ASP B 205 -29.87 12.83 -3.59
C ASP B 205 -29.68 14.09 -2.76
N ALA B 206 -28.45 14.37 -2.34
CA ALA B 206 -28.10 15.55 -1.55
C ALA B 206 -28.84 15.58 -0.22
N SER B 207 -29.13 14.42 0.34
CA SER B 207 -29.84 14.35 1.60
C SER B 207 -29.23 13.28 2.50
N ALA B 208 -29.41 13.47 3.80
CA ALA B 208 -29.09 12.49 4.81
C ALA B 208 -30.38 12.08 5.51
N LYS B 209 -30.45 10.83 5.92
CA LYS B 209 -31.64 10.31 6.58
C LYS B 209 -31.24 9.62 7.86
N LEU B 210 -32.07 9.81 8.89
CA LEU B 210 -31.86 9.20 10.20
C LEU B 210 -32.78 7.99 10.33
N TRP B 211 -32.18 6.81 10.37
CA TRP B 211 -32.89 5.54 10.39
C TRP B 211 -32.76 4.96 11.79
N ASP B 212 -33.72 4.13 12.17
CA ASP B 212 -33.58 3.37 13.41
C ASP B 212 -33.53 1.89 13.07
N VAL B 213 -32.50 1.21 13.57
CA VAL B 213 -32.26 -0.18 13.23
C VAL B 213 -33.29 -1.13 13.85
N ARG B 214 -33.97 -0.72 14.92
CA ARG B 214 -35.00 -1.57 15.51
C ARG B 214 -36.26 -1.64 14.65
N GLU B 215 -36.94 -0.50 14.49
CA GLU B 215 -38.18 -0.48 13.73
C GLU B 215 -37.97 -0.35 12.23
N GLY B 216 -36.75 -0.04 11.78
CA GLY B 216 -36.45 -0.02 10.36
C GLY B 216 -37.19 1.03 9.56
N MET B 217 -37.27 2.26 10.07
CA MET B 217 -38.00 3.33 9.41
C MET B 217 -37.18 4.60 9.45
N CYS B 218 -37.47 5.51 8.52
CA CYS B 218 -36.81 6.81 8.49
C CYS B 218 -37.56 7.76 9.41
N ARG B 219 -36.84 8.45 10.28
CA ARG B 219 -37.42 9.40 11.22
C ARG B 219 -37.30 10.84 10.76
N GLN B 220 -36.14 11.24 10.24
CA GLN B 220 -35.90 12.61 9.83
C GLN B 220 -35.09 12.62 8.54
N THR B 221 -35.31 13.64 7.73
CA THR B 221 -34.55 13.86 6.51
C THR B 221 -33.93 15.25 6.56
N PHE B 222 -32.65 15.34 6.21
CA PHE B 222 -31.88 16.58 6.26
C PHE B 222 -31.39 16.89 4.87
N THR B 223 -31.72 18.08 4.36
CA THR B 223 -31.59 18.41 2.94
C THR B 223 -30.92 19.76 2.76
N GLY B 224 -29.80 19.97 3.44
CA GLY B 224 -29.09 21.23 3.33
C GLY B 224 -28.11 21.31 2.17
N HIS B 225 -27.53 20.18 1.78
CA HIS B 225 -26.45 20.18 0.80
C HIS B 225 -26.99 20.44 -0.60
N GLU B 226 -26.06 20.75 -1.52
CA GLU B 226 -26.38 21.01 -2.90
C GLU B 226 -25.87 19.95 -3.87
N SER B 227 -25.04 19.01 -3.41
CA SER B 227 -24.50 17.98 -4.28
C SER B 227 -24.49 16.67 -3.50
N ASP B 228 -23.80 15.68 -4.05
CA ASP B 228 -23.76 14.35 -3.45
C ASP B 228 -23.08 14.41 -2.09
N ILE B 229 -23.63 13.70 -1.12
CA ILE B 229 -23.01 13.59 0.19
C ILE B 229 -22.12 12.35 0.20
N ASN B 230 -20.83 12.54 0.46
CA ASN B 230 -19.86 11.45 0.43
C ASN B 230 -19.49 10.93 1.81
N ALA B 231 -19.64 11.74 2.85
CA ALA B 231 -19.21 11.35 4.19
C ALA B 231 -20.25 11.79 5.20
N ILE B 232 -20.31 11.06 6.32
CA ILE B 232 -21.26 11.35 7.39
C ILE B 232 -20.70 10.77 8.68
N CYS B 233 -20.99 11.45 9.80
CA CYS B 233 -20.47 11.04 11.10
C CYS B 233 -21.25 11.74 12.20
N PHE B 234 -21.69 10.97 13.19
CA PHE B 234 -22.29 11.57 14.39
C PHE B 234 -21.31 12.36 15.22
N PHE B 235 -21.83 13.42 15.82
CA PHE B 235 -21.20 14.06 16.95
C PHE B 235 -21.04 13.03 18.07
N PRO B 236 -19.96 13.11 18.86
CA PRO B 236 -19.77 12.12 19.94
C PRO B 236 -20.92 12.06 20.92
N ASP B 237 -21.67 13.14 21.09
CA ASP B 237 -22.86 13.12 21.92
C ASP B 237 -23.91 12.16 21.38
N GLY B 238 -23.98 12.00 20.05
CA GLY B 238 -25.00 11.22 19.41
C GLY B 238 -26.25 12.00 19.06
N ASN B 239 -26.32 13.29 19.36
CA ASN B 239 -27.49 14.11 19.10
C ASN B 239 -27.28 15.04 17.91
N ALA B 240 -26.20 14.86 17.15
CA ALA B 240 -25.93 15.67 15.97
C ALA B 240 -24.98 14.88 15.10
N PHE B 241 -24.84 15.33 13.85
CA PHE B 241 -23.93 14.69 12.93
C PHE B 241 -23.43 15.72 11.92
N ALA B 242 -22.38 15.34 11.18
CA ALA B 242 -21.80 16.22 10.18
C ALA B 242 -21.70 15.49 8.86
N THR B 243 -22.06 16.18 7.80
CA THR B 243 -21.98 15.65 6.44
C THR B 243 -20.95 16.41 5.63
N GLY B 244 -20.28 15.69 4.74
CA GLY B 244 -19.38 16.30 3.78
C GLY B 244 -19.84 15.95 2.38
N SER B 245 -19.83 16.92 1.47
CA SER B 245 -20.44 16.72 0.17
C SER B 245 -19.47 17.15 -0.93
N ASP B 246 -19.95 17.02 -2.18
CA ASP B 246 -19.17 17.41 -3.35
C ASP B 246 -19.18 18.90 -3.59
N ASP B 247 -20.02 19.66 -2.91
CA ASP B 247 -20.10 21.11 -3.08
C ASP B 247 -19.04 21.85 -2.27
N ALA B 248 -17.98 21.14 -1.86
CA ALA B 248 -16.87 21.74 -1.12
C ALA B 248 -17.36 22.37 0.19
N THR B 249 -18.25 21.68 0.88
CA THR B 249 -18.84 22.20 2.09
C THR B 249 -19.20 21.05 3.03
N CYS B 250 -18.74 21.14 4.27
CA CYS B 250 -19.24 20.30 5.33
C CYS B 250 -20.33 21.05 6.07
N ARG B 251 -21.17 20.33 6.80
CA ARG B 251 -22.18 21.01 7.59
C ARG B 251 -22.76 20.10 8.66
N LEU B 252 -23.24 20.74 9.73
CA LEU B 252 -23.67 20.08 10.95
C LEU B 252 -25.18 20.13 11.06
N PHE B 253 -25.78 18.96 11.27
CA PHE B 253 -27.21 18.84 11.48
C PHE B 253 -27.48 18.34 12.89
N ASP B 254 -28.52 18.89 13.52
CA ASP B 254 -28.94 18.46 14.85
C ASP B 254 -30.22 17.63 14.74
N LEU B 255 -30.23 16.49 15.41
CA LEU B 255 -31.39 15.60 15.37
C LEU B 255 -32.58 16.21 16.09
N ARG B 256 -32.37 16.72 17.30
CA ARG B 256 -33.48 17.24 18.09
C ARG B 256 -34.04 18.53 17.49
N ALA B 257 -33.17 19.43 17.04
CA ALA B 257 -33.62 20.64 16.36
C ALA B 257 -34.11 20.38 14.95
N ASP B 258 -33.77 19.23 14.37
CA ASP B 258 -34.27 18.79 13.07
C ASP B 258 -33.89 19.76 11.96
N GLN B 259 -32.71 20.35 12.03
CA GLN B 259 -32.27 21.27 10.98
C GLN B 259 -30.75 21.37 11.00
N GLU B 260 -30.24 22.34 10.28
CA GLU B 260 -28.81 22.60 10.14
C GLU B 260 -28.36 23.61 11.18
N LEU B 261 -27.17 23.38 11.75
CA LEU B 261 -26.61 24.31 12.71
C LEU B 261 -25.49 25.17 12.15
N MET B 262 -24.59 24.58 11.37
CA MET B 262 -23.40 25.28 10.94
C MET B 262 -22.95 24.76 9.59
N THR B 263 -22.30 25.64 8.83
CA THR B 263 -21.72 25.30 7.53
C THR B 263 -20.23 25.58 7.57
N TYR B 264 -19.42 24.59 7.25
CA TYR B 264 -17.96 24.66 7.25
C TYR B 264 -17.52 24.70 5.79
N SER B 265 -17.21 25.90 5.31
CA SER B 265 -16.79 26.11 3.94
C SER B 265 -15.82 27.27 3.88
N HIS B 266 -15.00 27.29 2.83
CA HIS B 266 -14.06 28.37 2.58
C HIS B 266 -14.08 28.72 1.10
N ASP B 267 -13.72 29.96 0.81
CA ASP B 267 -13.62 30.39 -0.59
C ASP B 267 -12.48 29.67 -1.31
N ASN B 268 -11.38 29.42 -0.62
CA ASN B 268 -10.22 28.78 -1.22
C ASN B 268 -10.42 27.28 -1.46
N ILE B 269 -11.50 26.71 -0.97
CA ILE B 269 -11.78 25.29 -1.15
C ILE B 269 -12.95 25.15 -2.11
N ILE B 270 -12.68 24.59 -3.29
CA ILE B 270 -13.70 24.32 -4.30
C ILE B 270 -13.79 22.84 -4.63
N CYS B 271 -13.30 21.98 -3.75
CA CYS B 271 -13.18 20.55 -3.99
C CYS B 271 -14.05 19.78 -3.01
N GLY B 272 -14.57 18.64 -3.47
CA GLY B 272 -15.46 17.86 -2.66
C GLY B 272 -14.77 17.19 -1.49
N ILE B 273 -15.58 16.84 -0.48
CA ILE B 273 -15.11 16.16 0.72
C ILE B 273 -15.33 14.67 0.54
N THR B 274 -14.28 13.88 0.78
CA THR B 274 -14.35 12.44 0.68
C THR B 274 -14.57 11.75 2.02
N SER B 275 -14.26 12.41 3.12
CA SER B 275 -14.31 11.78 4.43
C SER B 275 -14.48 12.83 5.51
N VAL B 276 -15.22 12.48 6.55
CA VAL B 276 -15.54 13.39 7.66
C VAL B 276 -15.41 12.60 8.96
N SER B 277 -14.83 13.23 9.97
CA SER B 277 -14.71 12.61 11.29
C SER B 277 -14.63 13.69 12.36
N PHE B 278 -15.03 13.31 13.57
CA PHE B 278 -15.04 14.21 14.71
C PHE B 278 -13.90 13.87 15.67
N SER B 279 -13.45 14.88 16.40
CA SER B 279 -12.53 14.67 17.51
C SER B 279 -13.27 13.99 18.66
N LYS B 280 -12.51 13.52 19.64
CA LYS B 280 -13.13 12.81 20.76
C LYS B 280 -14.09 13.69 21.53
N SER B 281 -13.73 14.96 21.75
CA SER B 281 -14.63 15.90 22.39
C SER B 281 -15.69 16.45 21.45
N GLY B 282 -15.52 16.27 20.16
CA GLY B 282 -16.41 16.87 19.18
C GLY B 282 -16.13 18.31 18.86
N ARG B 283 -15.10 18.91 19.46
CA ARG B 283 -14.79 20.30 19.21
C ARG B 283 -14.11 20.50 17.86
N LEU B 284 -13.40 19.48 17.37
CA LEU B 284 -12.72 19.56 16.09
C LEU B 284 -13.41 18.64 15.09
N LEU B 285 -13.66 19.16 13.90
CA LEU B 285 -14.23 18.39 12.81
C LEU B 285 -13.13 18.14 11.79
N LEU B 286 -12.82 16.88 11.54
CA LEU B 286 -11.79 16.48 10.60
C LEU B 286 -12.46 16.15 9.27
N ALA B 287 -12.09 16.87 8.21
CA ALA B 287 -12.69 16.68 6.90
C ALA B 287 -11.60 16.42 5.88
N GLY B 288 -11.62 15.23 5.27
CA GLY B 288 -10.68 14.90 4.23
C GLY B 288 -11.19 15.40 2.88
N TYR B 289 -10.37 16.18 2.20
CA TYR B 289 -10.73 16.75 0.92
C TYR B 289 -9.97 16.03 -0.19
N ASP B 290 -10.39 16.27 -1.43
CA ASP B 290 -9.73 15.68 -2.58
C ASP B 290 -8.81 16.67 -3.27
N ASP B 291 -8.53 17.81 -2.62
CA ASP B 291 -7.42 18.67 -2.98
C ASP B 291 -6.13 18.26 -2.29
N PHE B 292 -6.03 16.99 -1.92
CA PHE B 292 -4.86 16.27 -1.43
C PHE B 292 -4.57 16.49 0.05
N ASN B 293 -5.34 17.31 0.78
CA ASN B 293 -5.07 17.51 2.19
C ASN B 293 -6.38 17.54 2.98
N CYS B 294 -6.22 17.38 4.29
CA CYS B 294 -7.33 17.36 5.24
C CYS B 294 -7.39 18.68 5.99
N ASN B 295 -8.61 19.09 6.34
CA ASN B 295 -8.84 20.32 7.08
C ASN B 295 -9.39 19.99 8.46
N VAL B 296 -8.95 20.76 9.45
CA VAL B 296 -9.44 20.65 10.82
C VAL B 296 -10.22 21.92 11.11
N TRP B 297 -11.51 21.77 11.40
CA TRP B 297 -12.42 22.87 11.62
C TRP B 297 -12.78 22.98 13.08
N ASP B 298 -12.93 24.20 13.57
CA ASP B 298 -13.55 24.43 14.87
C ASP B 298 -15.04 24.15 14.73
N ALA B 299 -15.49 22.99 15.23
CA ALA B 299 -16.86 22.57 15.02
C ALA B 299 -17.88 23.51 15.63
N LEU B 300 -17.50 24.28 16.64
CA LEU B 300 -18.42 25.18 17.30
C LEU B 300 -18.39 26.60 16.74
N LYS B 301 -17.35 26.96 16.01
CA LYS B 301 -17.20 28.31 15.49
C LYS B 301 -16.96 28.35 13.99
N ALA B 302 -16.92 27.20 13.31
CA ALA B 302 -16.71 27.10 11.87
C ALA B 302 -15.35 27.64 11.44
N ASP B 303 -14.52 28.05 12.39
CA ASP B 303 -13.18 28.50 12.07
C ASP B 303 -12.34 27.34 11.58
N ARG B 304 -11.54 27.59 10.55
CA ARG B 304 -10.57 26.60 10.08
C ARG B 304 -9.39 26.58 11.05
N ALA B 305 -9.26 25.49 11.80
CA ALA B 305 -8.24 25.42 12.82
C ALA B 305 -6.89 24.99 12.27
N GLY B 306 -6.87 24.01 11.36
CA GLY B 306 -5.58 23.52 10.89
C GLY B 306 -5.68 22.76 9.58
N VAL B 307 -4.52 22.35 9.09
CA VAL B 307 -4.40 21.60 7.85
C VAL B 307 -3.44 20.45 8.05
N LEU B 308 -3.81 19.28 7.53
CA LEU B 308 -2.95 18.10 7.48
C LEU B 308 -2.64 17.87 6.01
N ALA B 309 -1.41 18.17 5.61
CA ALA B 309 -1.09 18.25 4.18
C ALA B 309 0.09 17.36 3.79
N GLY B 310 0.08 16.11 4.22
CA GLY B 310 1.19 15.22 3.93
C GLY B 310 0.96 14.23 2.81
N HIS B 311 -0.20 14.28 2.15
CA HIS B 311 -0.52 13.31 1.11
C HIS B 311 -0.32 13.90 -0.28
N ASP B 312 0.06 13.03 -1.21
CA ASP B 312 0.33 13.42 -2.58
C ASP B 312 -0.82 13.13 -3.53
N ASN B 313 -1.91 12.56 -3.03
CA ASN B 313 -3.09 12.30 -3.85
C ASN B 313 -4.32 12.51 -2.98
N ARG B 314 -5.49 12.19 -3.55
CA ARG B 314 -6.76 12.40 -2.87
C ARG B 314 -6.79 11.66 -1.54
N VAL B 315 -7.25 12.36 -0.49
CA VAL B 315 -7.44 11.74 0.81
C VAL B 315 -8.80 11.06 0.81
N SER B 316 -8.80 9.74 0.71
CA SER B 316 -10.03 9.00 0.50
C SER B 316 -10.72 8.57 1.79
N CYS B 317 -9.98 8.44 2.89
CA CYS B 317 -10.56 7.93 4.11
C CYS B 317 -9.89 8.56 5.32
N LEU B 318 -10.64 8.62 6.42
CA LEU B 318 -10.25 9.39 7.60
C LEU B 318 -10.88 8.76 8.83
N GLY B 319 -10.11 8.71 9.92
CA GLY B 319 -10.66 8.15 11.14
C GLY B 319 -9.92 8.51 12.41
N VAL B 320 -10.65 8.86 13.46
CA VAL B 320 -10.07 9.21 14.74
C VAL B 320 -10.24 8.04 15.70
N THR B 321 -9.19 7.75 16.46
CA THR B 321 -9.21 6.64 17.40
C THR B 321 -10.29 6.87 18.46
N ASP B 322 -10.71 5.77 19.10
CA ASP B 322 -11.77 5.85 20.09
C ASP B 322 -11.32 6.55 21.36
N ASP B 323 -10.02 6.57 21.66
CA ASP B 323 -9.50 7.37 22.75
C ASP B 323 -9.09 8.78 22.31
N GLY B 324 -9.23 9.08 21.02
CA GLY B 324 -8.93 10.41 20.53
C GLY B 324 -7.47 10.75 20.47
N MET B 325 -6.58 9.76 20.52
CA MET B 325 -5.15 10.04 20.57
C MET B 325 -4.58 10.41 19.21
N ALA B 326 -5.11 9.84 18.12
CA ALA B 326 -4.52 10.04 16.81
C ALA B 326 -5.61 10.02 15.75
N VAL B 327 -5.27 10.56 14.58
CA VAL B 327 -6.16 10.54 13.43
C VAL B 327 -5.41 9.93 12.26
N ALA B 328 -6.01 8.93 11.62
CA ALA B 328 -5.41 8.25 10.48
C ALA B 328 -6.07 8.71 9.21
N THR B 329 -5.25 9.14 8.25
CA THR B 329 -5.71 9.55 6.93
C THR B 329 -5.15 8.57 5.91
N GLY B 330 -6.03 7.96 5.13
CA GLY B 330 -5.60 7.15 4.01
C GLY B 330 -5.97 7.80 2.70
N SER B 331 -5.02 7.75 1.77
CA SER B 331 -5.13 8.55 0.56
C SER B 331 -4.99 7.65 -0.66
N TRP B 332 -5.25 8.23 -1.83
CA TRP B 332 -5.12 7.54 -3.10
C TRP B 332 -3.67 7.30 -3.50
N ASP B 333 -2.72 7.88 -2.78
CA ASP B 333 -1.30 7.68 -3.05
C ASP B 333 -0.76 6.43 -2.35
N SER B 334 -1.64 5.54 -1.89
CA SER B 334 -1.29 4.24 -1.33
C SER B 334 -0.57 4.34 0.01
N PHE B 335 -0.76 5.42 0.75
CA PHE B 335 -0.12 5.58 2.05
C PHE B 335 -1.16 5.94 3.11
N LEU B 336 -0.95 5.41 4.31
CA LEU B 336 -1.72 5.78 5.49
C LEU B 336 -0.82 6.56 6.43
N LYS B 337 -1.32 7.68 6.94
CA LYS B 337 -0.54 8.53 7.82
C LYS B 337 -1.29 8.71 9.13
N ILE B 338 -0.60 8.47 10.24
CA ILE B 338 -1.12 8.72 11.58
C ILE B 338 -0.65 10.10 11.99
N TRP B 339 -1.57 10.93 12.48
CA TRP B 339 -1.28 12.28 12.91
C TRP B 339 -1.67 12.45 14.37
N ASN B 340 -0.91 13.29 15.06
CA ASN B 340 -1.09 13.45 16.50
C ASN B 340 -0.56 14.81 16.94
N ILE C 9 -47.82 6.47 -8.24
CA ILE C 9 -49.03 6.77 -7.48
C ILE C 9 -49.06 5.92 -6.22
N ALA C 10 -48.58 4.69 -6.32
CA ALA C 10 -48.50 3.82 -5.15
C ALA C 10 -47.41 4.28 -4.20
N GLN C 11 -46.25 4.67 -4.72
CA GLN C 11 -45.17 5.16 -3.89
C GLN C 11 -45.34 6.61 -3.48
N ALA C 12 -46.21 7.36 -4.16
CA ALA C 12 -46.52 8.72 -3.74
C ALA C 12 -47.37 8.75 -2.48
N ARG C 13 -48.30 7.81 -2.31
CA ARG C 13 -48.98 7.65 -1.04
C ARG C 13 -48.05 7.14 0.06
N LYS C 14 -46.88 6.62 -0.29
CA LYS C 14 -45.87 6.31 0.70
C LYS C 14 -45.04 7.53 1.06
N LEU C 15 -44.73 8.38 0.06
CA LEU C 15 -44.07 9.64 0.35
C LEU C 15 -44.93 10.55 1.22
N VAL C 16 -46.23 10.56 0.97
CA VAL C 16 -47.13 11.38 1.78
C VAL C 16 -47.12 10.90 3.23
N GLN C 17 -47.21 9.60 3.45
CA GLN C 17 -47.15 9.07 4.81
C GLN C 17 -45.80 9.31 5.47
N GLN C 18 -44.70 9.18 4.73
CA GLN C 18 -43.39 9.46 5.30
C GLN C 18 -43.25 10.92 5.70
N LEU C 19 -43.73 11.83 4.85
CA LEU C 19 -43.68 13.25 5.21
C LEU C 19 -44.61 13.56 6.38
N LYS C 20 -45.74 12.88 6.47
CA LYS C 20 -46.62 13.05 7.62
C LYS C 20 -45.96 12.56 8.91
N MET C 21 -45.21 11.46 8.85
CA MET C 21 -44.49 10.96 10.01
C MET C 21 -43.29 11.82 10.39
N GLU C 22 -42.64 12.46 9.42
CA GLU C 22 -41.53 13.35 9.70
C GLU C 22 -41.97 14.77 10.04
N ALA C 23 -43.25 15.10 9.82
CA ALA C 23 -43.77 16.42 10.13
C ALA C 23 -44.24 16.54 11.58
N ASN C 24 -44.87 15.49 12.10
CA ASN C 24 -45.46 15.53 13.43
C ASN C 24 -44.50 15.04 14.51
N ILE C 25 -43.30 15.59 14.50
CA ILE C 25 -42.33 15.35 15.56
C ILE C 25 -42.10 16.66 16.31
N ASP C 26 -41.58 16.53 17.52
CA ASP C 26 -41.32 17.69 18.37
C ASP C 26 -39.86 18.11 18.20
N ARG C 27 -39.65 19.42 18.13
CA ARG C 27 -38.34 19.99 17.88
C ARG C 27 -38.01 21.01 18.96
N ILE C 28 -36.78 20.97 19.45
CA ILE C 28 -36.30 21.94 20.42
C ILE C 28 -35.68 23.11 19.67
N LYS C 29 -35.58 24.24 20.35
CA LYS C 29 -35.03 25.43 19.73
C LYS C 29 -33.54 25.25 19.46
N VAL C 30 -33.06 25.93 18.41
CA VAL C 30 -31.67 25.83 18.03
C VAL C 30 -30.77 26.45 19.11
N SER C 31 -31.25 27.49 19.79
CA SER C 31 -30.50 28.03 20.92
C SER C 31 -30.39 27.02 22.05
N LYS C 32 -31.23 26.01 22.07
CA LYS C 32 -31.18 24.96 23.09
C LYS C 32 -30.33 23.77 22.67
N ALA C 33 -30.38 23.38 21.40
CA ALA C 33 -29.53 22.30 20.92
C ALA C 33 -28.07 22.74 20.78
N ALA C 34 -27.85 23.96 20.29
CA ALA C 34 -26.51 24.52 20.22
C ALA C 34 -25.87 24.67 21.60
N ALA C 35 -26.64 25.09 22.60
CA ALA C 35 -26.15 25.14 23.96
C ALA C 35 -25.74 23.78 24.50
N ASP C 36 -26.53 22.73 24.24
CA ASP C 36 -26.15 21.38 24.63
C ASP C 36 -24.90 20.88 23.92
N LEU C 37 -24.76 21.15 22.62
CA LEU C 37 -23.52 20.78 21.93
C LEU C 37 -22.31 21.52 22.49
N MET C 38 -22.46 22.82 22.76
CA MET C 38 -21.37 23.60 23.32
C MET C 38 -21.00 23.12 24.72
N ALA C 39 -21.99 22.79 25.53
CA ALA C 39 -21.77 22.22 26.85
C ALA C 39 -21.08 20.86 26.80
N TYR C 40 -21.46 19.99 25.87
CA TYR C 40 -20.76 18.73 25.72
C TYR C 40 -19.30 18.96 25.33
N CYS C 41 -19.05 19.88 24.39
CA CYS C 41 -17.67 20.15 24.00
C CYS C 41 -16.85 20.70 25.16
N GLU C 42 -17.46 21.56 25.98
CA GLU C 42 -16.76 22.13 27.12
C GLU C 42 -16.52 21.11 28.23
N ALA C 43 -17.44 20.17 28.42
CA ALA C 43 -17.29 19.19 29.49
C ALA C 43 -16.15 18.23 29.21
N HIS C 44 -16.11 17.68 27.99
CA HIS C 44 -15.09 16.71 27.59
C HIS C 44 -13.87 17.37 26.95
N ALA C 45 -13.63 18.65 27.24
CA ALA C 45 -12.52 19.35 26.63
C ALA C 45 -11.18 18.78 27.07
N LYS C 46 -11.06 18.43 28.34
CA LYS C 46 -9.77 17.98 28.87
C LYS C 46 -9.36 16.62 28.29
N GLU C 47 -10.29 15.68 28.23
CA GLU C 47 -9.97 14.35 27.70
C GLU C 47 -10.05 14.33 26.17
N ASP C 48 -9.38 15.27 25.53
CA ASP C 48 -9.30 15.35 24.07
C ASP C 48 -7.85 15.54 23.69
N PRO C 49 -7.13 14.46 23.37
CA PRO C 49 -5.70 14.60 23.01
C PRO C 49 -5.45 15.49 21.80
N LEU C 50 -6.34 15.48 20.80
CA LEU C 50 -6.13 16.31 19.62
C LEU C 50 -6.34 17.79 19.92
N LEU C 51 -7.31 18.11 20.78
CA LEU C 51 -7.53 19.50 21.16
C LEU C 51 -6.42 20.02 22.06
N THR C 52 -6.22 19.37 23.20
CA THR C 52 -5.14 19.71 24.11
C THR C 52 -3.97 18.77 23.84
N PRO C 53 -2.87 19.24 23.25
CA PRO C 53 -1.78 18.33 22.89
C PRO C 53 -1.17 17.68 24.11
N VAL C 54 -1.36 16.36 24.22
CA VAL C 54 -0.90 15.58 25.36
C VAL C 54 0.63 15.57 25.36
N PRO C 55 1.27 15.61 26.52
CA PRO C 55 2.74 15.53 26.56
C PRO C 55 3.24 14.19 26.05
N ALA C 56 4.46 14.22 25.51
CA ALA C 56 5.05 13.06 24.85
C ALA C 56 5.33 11.90 25.79
N SER C 57 5.27 12.12 27.11
CA SER C 57 5.50 11.02 28.04
C SER C 57 4.44 9.93 27.90
N GLN C 58 3.17 10.32 27.75
CA GLN C 58 2.08 9.37 27.58
C GLN C 58 1.47 9.43 26.18
N ASN C 59 2.24 9.89 25.19
CA ASN C 59 1.81 9.85 23.81
C ASN C 59 2.29 8.55 23.19
N PRO C 60 1.39 7.63 22.81
CA PRO C 60 1.85 6.35 22.26
C PRO C 60 2.52 6.45 20.90
N PHE C 61 2.40 7.58 20.21
CA PHE C 61 3.02 7.78 18.91
C PHE C 61 4.15 8.79 19.08
N ARG C 62 5.38 8.28 19.03
CA ARG C 62 6.56 9.13 19.15
C ARG C 62 7.58 8.80 18.06
N VAL D 1 -6.72 -28.79 14.38
CA VAL D 1 -5.30 -28.69 14.68
C VAL D 1 -4.79 -30.02 15.18
N GLN D 2 -3.60 -30.41 14.71
CA GLN D 2 -3.02 -31.69 15.08
C GLN D 2 -1.53 -31.67 14.76
N LEU D 3 -0.72 -32.13 15.72
CA LEU D 3 0.70 -32.34 15.51
C LEU D 3 1.04 -33.74 15.96
N VAL D 4 1.59 -34.55 15.05
CA VAL D 4 1.92 -35.94 15.34
C VAL D 4 3.43 -36.09 15.23
N GLU D 5 4.07 -36.52 16.31
CA GLU D 5 5.51 -36.68 16.37
C GLU D 5 5.89 -38.15 16.23
N SER D 6 6.96 -38.39 15.49
CA SER D 6 7.45 -39.74 15.26
C SER D 6 8.97 -39.71 15.18
N GLY D 7 9.58 -40.88 15.31
CA GLY D 7 11.01 -41.05 15.15
C GLY D 7 11.75 -41.44 16.40
N GLY D 8 11.17 -41.22 17.57
CA GLY D 8 11.84 -41.56 18.80
C GLY D 8 11.96 -43.05 19.02
N GLY D 9 12.88 -43.42 19.91
CA GLY D 9 13.09 -44.82 20.23
C GLY D 9 14.38 -44.99 20.99
N LEU D 10 14.75 -46.25 21.17
CA LEU D 10 15.98 -46.60 21.87
C LEU D 10 17.18 -46.23 21.01
N VAL D 11 18.12 -45.49 21.57
CA VAL D 11 19.31 -45.05 20.86
C VAL D 11 20.53 -45.41 21.71
N GLN D 12 21.67 -45.58 21.04
CA GLN D 12 22.91 -45.77 21.76
C GLN D 12 23.57 -44.41 22.02
N PRO D 13 24.29 -44.28 23.13
CA PRO D 13 24.88 -42.98 23.48
C PRO D 13 26.03 -42.59 22.55
N GLY D 14 25.76 -41.64 21.66
CA GLY D 14 26.73 -41.25 20.65
C GLY D 14 26.12 -41.29 19.27
N GLY D 15 25.01 -42.02 19.12
CA GLY D 15 24.36 -42.19 17.83
C GLY D 15 23.66 -40.95 17.35
N SER D 16 22.64 -41.17 16.51
CA SER D 16 21.90 -40.06 15.93
C SER D 16 20.47 -40.50 15.69
N ARG D 17 19.57 -39.52 15.62
CA ARG D 17 18.15 -39.77 15.40
C ARG D 17 17.54 -38.60 14.67
N LYS D 18 16.34 -38.83 14.13
CA LYS D 18 15.63 -37.83 13.35
C LYS D 18 14.17 -37.86 13.78
N LEU D 19 13.74 -36.83 14.50
CA LEU D 19 12.36 -36.70 14.92
C LEU D 19 11.59 -35.86 13.91
N SER D 20 10.38 -36.29 13.58
CA SER D 20 9.54 -35.58 12.64
C SER D 20 8.22 -35.24 13.31
N CYS D 21 7.60 -34.17 12.81
CA CYS D 21 6.37 -33.61 13.33
C CYS D 21 5.49 -33.27 12.13
N SER D 22 4.48 -34.10 11.90
CA SER D 22 3.53 -33.85 10.81
C SER D 22 2.38 -33.01 11.35
N ALA D 23 2.17 -31.85 10.74
CA ALA D 23 1.09 -30.96 11.13
C ALA D 23 -0.14 -31.21 10.27
N SER D 24 -1.29 -30.87 10.82
CA SER D 24 -2.56 -31.08 10.12
C SER D 24 -3.59 -30.12 10.69
N GLY D 25 -4.45 -29.61 9.82
CA GLY D 25 -5.57 -28.81 10.27
C GLY D 25 -5.26 -27.35 10.58
N PHE D 26 -4.08 -26.85 10.20
CA PHE D 26 -3.78 -25.45 10.37
C PHE D 26 -2.71 -25.04 9.38
N ALA D 27 -2.54 -23.73 9.23
CA ALA D 27 -1.57 -23.16 8.29
C ALA D 27 -0.18 -23.28 8.89
N PHE D 28 0.44 -24.44 8.67
CA PHE D 28 1.74 -24.73 9.27
C PHE D 28 2.79 -23.70 8.87
N SER D 29 2.66 -23.11 7.69
CA SER D 29 3.68 -22.18 7.21
C SER D 29 3.73 -20.89 8.02
N SER D 30 2.64 -20.53 8.69
CA SER D 30 2.57 -19.20 9.36
C SER D 30 2.95 -19.29 10.81
N PHE D 31 3.22 -20.48 11.29
CA PHE D 31 3.44 -20.68 12.74
C PHE D 31 4.89 -20.99 12.98
N GLY D 32 5.55 -20.33 13.90
CA GLY D 32 6.91 -20.69 14.29
C GLY D 32 6.81 -21.96 15.06
N MET D 33 7.85 -22.74 15.15
CA MET D 33 7.66 -24.04 15.77
C MET D 33 8.81 -24.35 16.70
N HIS D 34 8.52 -24.92 17.85
CA HIS D 34 9.45 -25.22 18.90
C HIS D 34 9.49 -26.72 19.15
N TRP D 35 10.66 -27.19 19.54
CA TRP D 35 10.83 -28.50 20.15
C TRP D 35 11.12 -28.29 21.62
N VAL D 36 10.35 -28.95 22.48
CA VAL D 36 10.47 -28.82 23.93
C VAL D 36 10.53 -30.22 24.51
N ARG D 37 11.60 -30.54 25.21
CA ARG D 37 11.75 -31.86 25.79
C ARG D 37 11.25 -31.88 27.23
N GLN D 38 11.00 -33.09 27.72
CA GLN D 38 10.67 -33.30 29.13
C GLN D 38 11.31 -34.62 29.55
N ALA D 39 12.32 -34.54 30.40
CA ALA D 39 13.02 -35.73 30.84
C ALA D 39 12.12 -36.57 31.74
N PRO D 40 12.38 -37.86 31.86
CA PRO D 40 11.55 -38.71 32.73
C PRO D 40 11.48 -38.18 34.15
N GLU D 41 10.25 -37.94 34.62
CA GLU D 41 9.97 -37.44 35.96
C GLU D 41 10.57 -36.07 36.23
N LYS D 42 10.91 -35.33 35.19
CA LYS D 42 11.42 -33.96 35.31
C LYS D 42 10.45 -33.01 34.61
N GLY D 43 10.84 -31.73 34.54
CA GLY D 43 10.00 -30.72 33.97
C GLY D 43 10.37 -30.39 32.53
N LEU D 44 9.56 -29.52 31.93
CA LEU D 44 9.75 -29.17 30.53
C LEU D 44 11.03 -28.37 30.34
N GLU D 45 11.75 -28.69 29.28
CA GLU D 45 12.95 -27.96 28.91
C GLU D 45 12.88 -27.61 27.43
N TRP D 46 13.02 -26.33 27.12
CA TRP D 46 12.97 -25.88 25.74
C TRP D 46 14.22 -26.30 25.00
N VAL D 47 14.04 -26.85 23.80
CA VAL D 47 15.13 -27.40 23.01
C VAL D 47 15.50 -26.50 21.84
N ALA D 48 14.53 -26.20 20.97
CA ALA D 48 14.88 -25.48 19.76
C ALA D 48 13.67 -24.72 19.22
N TYR D 49 13.94 -23.74 18.35
CA TYR D 49 12.92 -22.91 17.75
C TYR D 49 13.31 -22.56 16.33
N ILE D 50 12.35 -22.65 15.41
CA ILE D 50 12.54 -22.19 14.04
C ILE D 50 11.34 -21.32 13.66
N SER D 51 11.62 -20.14 13.12
CA SER D 51 10.57 -19.17 12.89
C SER D 51 9.77 -19.52 11.64
N SER D 52 8.74 -18.73 11.37
CA SER D 52 7.99 -18.87 10.13
C SER D 52 8.85 -18.42 8.96
N GLY D 53 8.92 -19.24 7.92
CA GLY D 53 9.84 -18.97 6.84
C GLY D 53 11.27 -19.37 7.11
N SER D 54 11.54 -20.00 8.26
CA SER D 54 12.86 -20.54 8.61
C SER D 54 13.93 -19.47 8.71
N GLY D 55 13.54 -18.20 8.83
CA GLY D 55 14.50 -17.12 8.86
C GLY D 55 15.18 -16.88 10.19
N THR D 56 14.77 -17.57 11.25
CA THR D 56 15.37 -17.39 12.56
C THR D 56 15.33 -18.71 13.29
N ILE D 57 16.48 -19.13 13.82
CA ILE D 57 16.63 -20.41 14.50
C ILE D 57 17.38 -20.19 15.80
N TYR D 58 16.87 -20.79 16.87
CA TYR D 58 17.49 -20.73 18.18
C TYR D 58 17.60 -22.14 18.77
N TYR D 59 18.65 -22.36 19.55
CA TYR D 59 18.86 -23.62 20.24
C TYR D 59 19.20 -23.35 21.69
N ALA D 60 18.89 -24.33 22.54
CA ALA D 60 19.39 -24.31 23.90
C ALA D 60 20.89 -24.59 23.91
N ASP D 61 21.59 -23.98 24.86
CA ASP D 61 23.04 -24.14 24.93
C ASP D 61 23.47 -25.58 25.22
N THR D 62 22.56 -26.42 25.71
CA THR D 62 22.88 -27.82 25.94
C THR D 62 22.75 -28.67 24.68
N VAL D 63 22.16 -28.15 23.62
CA VAL D 63 22.01 -28.86 22.36
C VAL D 63 22.61 -28.12 21.19
N LYS D 64 23.15 -26.93 21.41
CA LYS D 64 23.71 -26.15 20.29
C LYS D 64 24.93 -26.91 19.78
N GLY D 65 25.03 -27.08 18.47
CA GLY D 65 26.11 -27.83 17.85
C GLY D 65 25.71 -29.25 17.51
N ARG D 66 24.95 -29.89 18.41
CA ARG D 66 24.52 -31.27 18.20
C ARG D 66 23.21 -31.34 17.43
N PHE D 67 22.17 -30.65 17.90
CA PHE D 67 20.86 -30.73 17.31
C PHE D 67 20.71 -29.66 16.24
N THR D 68 19.95 -29.98 15.19
CA THR D 68 19.58 -29.00 14.19
C THR D 68 18.10 -29.13 13.89
N ILE D 69 17.41 -28.00 13.90
CA ILE D 69 15.98 -27.97 13.65
C ILE D 69 15.75 -27.48 12.23
N SER D 70 14.91 -28.20 11.50
CA SER D 70 14.63 -27.87 10.11
C SER D 70 13.13 -27.95 9.89
N ARG D 71 12.71 -27.50 8.72
CA ARG D 71 11.28 -27.30 8.45
C ARG D 71 11.06 -27.43 6.96
N ASP D 72 10.12 -28.29 6.56
CA ASP D 72 9.76 -28.40 5.15
C ASP D 72 8.26 -28.14 5.07
N ASP D 73 7.93 -26.92 4.65
CA ASP D 73 6.54 -26.45 4.66
C ASP D 73 5.61 -27.17 3.69
N PRO D 74 5.97 -27.40 2.43
CA PRO D 74 4.97 -27.95 1.48
C PRO D 74 4.34 -29.26 1.94
N LYS D 75 5.06 -30.14 2.61
CA LYS D 75 4.43 -31.32 3.20
C LYS D 75 4.17 -31.15 4.68
N ASN D 76 4.34 -29.93 5.21
CA ASN D 76 3.94 -29.59 6.58
C ASN D 76 4.65 -30.47 7.60
N THR D 77 5.98 -30.51 7.52
CA THR D 77 6.75 -31.32 8.47
C THR D 77 7.81 -30.49 9.15
N LEU D 78 7.99 -30.74 10.44
CA LEU D 78 9.06 -30.13 11.23
C LEU D 78 10.03 -31.22 11.65
N PHE D 79 11.33 -30.96 11.52
CA PHE D 79 12.34 -31.96 11.78
C PHE D 79 13.28 -31.50 12.87
N LEU D 80 13.73 -32.46 13.68
CA LEU D 80 14.82 -32.25 14.63
C LEU D 80 15.81 -33.38 14.39
N GLN D 81 16.94 -33.06 13.77
CA GLN D 81 18.02 -34.02 13.59
C GLN D 81 18.98 -33.90 14.77
N MET D 82 19.10 -34.96 15.54
CA MET D 82 19.87 -34.97 16.77
C MET D 82 21.07 -35.89 16.57
N THR D 83 22.26 -35.30 16.48
CA THR D 83 23.49 -36.05 16.36
C THR D 83 24.23 -36.08 17.68
N SER D 84 25.12 -37.06 17.83
CA SER D 84 25.96 -37.20 19.02
C SER D 84 25.13 -37.24 20.30
N LEU D 85 24.08 -38.06 20.26
CA LEU D 85 23.18 -38.19 21.40
C LEU D 85 23.92 -38.71 22.61
N ARG D 86 23.64 -38.13 23.77
CA ARG D 86 24.21 -38.55 25.03
C ARG D 86 23.10 -38.87 26.04
N SER D 87 23.46 -39.63 27.06
CA SER D 87 22.49 -40.31 27.91
C SER D 87 21.51 -39.38 28.61
N GLU D 88 21.71 -38.06 28.58
CA GLU D 88 20.76 -37.14 29.16
C GLU D 88 19.96 -36.37 28.13
N ASP D 89 19.90 -36.86 26.90
CA ASP D 89 18.88 -36.43 25.93
C ASP D 89 17.67 -37.33 25.94
N THR D 90 17.65 -38.38 26.76
CA THR D 90 16.48 -39.22 26.90
C THR D 90 15.35 -38.41 27.53
N ALA D 91 14.21 -38.34 26.83
CA ALA D 91 13.11 -37.47 27.23
C ALA D 91 11.91 -37.80 26.35
N MET D 92 10.87 -37.00 26.50
CA MET D 92 9.76 -36.96 25.54
C MET D 92 9.80 -35.60 24.86
N TYR D 93 9.80 -35.60 23.54
CA TYR D 93 9.93 -34.37 22.77
C TYR D 93 8.56 -33.96 22.25
N TYR D 94 8.18 -32.72 22.56
CA TYR D 94 6.92 -32.13 22.13
C TYR D 94 7.17 -31.11 21.04
N CYS D 95 6.31 -31.15 20.04
CA CYS D 95 6.29 -30.23 18.92
C CYS D 95 5.24 -29.17 19.20
N VAL D 96 5.64 -27.92 19.28
CA VAL D 96 4.77 -26.83 19.73
C VAL D 96 4.66 -25.80 18.62
N ARG D 97 3.44 -25.46 18.26
CA ARG D 97 3.21 -24.36 17.33
C ARG D 97 3.11 -23.05 18.10
N SER D 98 3.50 -21.96 17.44
CA SER D 98 3.61 -20.68 18.12
C SER D 98 3.59 -19.58 17.09
N ILE D 99 2.55 -18.74 17.12
CA ILE D 99 2.40 -17.65 16.16
C ILE D 99 2.58 -16.33 16.90
N TYR D 100 3.28 -15.40 16.26
CA TYR D 100 3.65 -14.12 16.88
C TYR D 100 3.15 -12.96 16.04
N TYR D 101 2.09 -12.31 16.50
CA TYR D 101 1.69 -10.99 16.04
C TYR D 101 1.11 -10.27 17.26
N TYR D 102 0.56 -9.08 17.04
CA TYR D 102 -0.02 -8.34 18.16
C TYR D 102 -1.28 -9.05 18.63
N GLY D 103 -1.32 -9.40 19.92
CA GLY D 103 -2.45 -10.08 20.48
C GLY D 103 -2.53 -11.56 20.19
N SER D 104 -1.48 -12.14 19.62
CA SER D 104 -1.48 -13.57 19.33
C SER D 104 -1.33 -14.37 20.61
N SER D 105 -1.54 -15.68 20.49
CA SER D 105 -1.46 -16.61 21.61
C SER D 105 -0.43 -17.66 21.29
N PRO D 106 0.85 -17.39 21.52
CA PRO D 106 1.89 -18.37 21.20
C PRO D 106 1.88 -19.54 22.17
N PHE D 107 2.50 -20.64 21.73
CA PHE D 107 2.58 -21.88 22.51
C PHE D 107 1.20 -22.44 22.80
N ASP D 108 0.25 -22.22 21.90
CA ASP D 108 -1.14 -22.57 22.16
C ASP D 108 -1.43 -24.06 21.96
N PHE D 109 -0.74 -24.72 21.04
CA PHE D 109 -0.99 -26.13 20.77
C PHE D 109 0.31 -26.91 20.85
N TRP D 110 0.27 -28.04 21.56
CA TRP D 110 1.41 -28.92 21.73
C TRP D 110 1.12 -30.28 21.11
N GLY D 111 2.13 -30.87 20.48
CA GLY D 111 1.98 -32.22 19.97
C GLY D 111 1.94 -33.24 21.09
N GLN D 112 1.64 -34.48 20.73
CA GLN D 112 1.52 -35.54 21.71
C GLN D 112 2.87 -36.05 22.21
N GLY D 113 3.98 -35.67 21.58
CA GLY D 113 5.29 -36.02 22.04
C GLY D 113 5.76 -37.40 21.63
N THR D 114 7.04 -37.53 21.31
CA THR D 114 7.64 -38.82 20.99
C THR D 114 8.82 -39.06 21.93
N THR D 115 8.95 -40.29 22.41
CA THR D 115 9.92 -40.63 23.43
C THR D 115 11.23 -41.03 22.80
N LEU D 116 12.30 -40.37 23.21
CA LEU D 116 13.66 -40.78 22.89
C LEU D 116 14.33 -41.34 24.13
N THR D 117 14.99 -42.48 23.98
CA THR D 117 15.65 -43.17 25.09
C THR D 117 17.09 -43.46 24.66
N VAL D 118 18.00 -42.52 24.97
CA VAL D 118 19.42 -42.71 24.69
C VAL D 118 19.99 -43.61 25.79
N SER D 119 20.27 -44.86 25.44
CA SER D 119 20.65 -45.86 26.43
C SER D 119 22.00 -45.49 27.06
N SER D 120 22.34 -46.21 28.12
CA SER D 120 23.58 -45.95 28.85
C SER D 120 24.81 -46.27 28.04
N SER D 135 23.45 -16.21 32.10
CA SER D 135 22.64 -15.07 31.71
C SER D 135 21.19 -15.47 31.47
N ASP D 136 20.90 -16.76 31.65
CA ASP D 136 19.54 -17.26 31.50
C ASP D 136 18.67 -16.77 32.64
N ILE D 137 17.38 -16.66 32.37
CA ILE D 137 16.41 -16.23 33.37
C ILE D 137 15.94 -17.46 34.13
N VAL D 138 16.15 -17.45 35.45
CA VAL D 138 15.82 -18.59 36.29
C VAL D 138 14.40 -18.39 36.81
N MET D 139 13.48 -19.23 36.34
CA MET D 139 12.10 -19.18 36.80
C MET D 139 11.93 -20.19 37.94
N THR D 140 11.45 -19.70 39.08
CA THR D 140 11.40 -20.48 40.30
C THR D 140 9.96 -20.69 40.73
N GLN D 141 9.56 -21.96 40.85
CA GLN D 141 8.32 -22.34 41.51
C GLN D 141 8.69 -22.89 42.88
N ALA D 142 8.54 -22.06 43.91
CA ALA D 142 9.02 -22.42 45.24
C ALA D 142 8.36 -23.70 45.74
N THR D 143 7.04 -23.80 45.59
CA THR D 143 6.36 -25.04 45.94
C THR D 143 6.59 -26.08 44.86
N SER D 144 6.33 -27.35 45.23
CA SER D 144 6.53 -28.45 44.29
C SER D 144 5.28 -29.29 44.18
N SER D 145 4.45 -29.32 45.23
CA SER D 145 3.20 -30.07 45.22
C SER D 145 2.33 -29.60 46.36
N VAL D 146 1.05 -29.40 46.09
CA VAL D 146 0.09 -28.98 47.11
C VAL D 146 -1.16 -29.84 47.01
N PRO D 147 -1.79 -30.20 48.14
CA PRO D 147 -3.02 -30.98 48.09
C PRO D 147 -4.25 -30.10 48.00
N VAL D 148 -5.19 -30.50 47.15
CA VAL D 148 -6.39 -29.72 46.89
C VAL D 148 -7.62 -30.60 47.01
N THR D 149 -8.76 -29.93 47.21
CA THR D 149 -10.08 -30.50 47.25
C THR D 149 -10.98 -29.78 46.25
N PRO D 150 -11.80 -30.51 45.49
CA PRO D 150 -12.67 -29.86 44.51
C PRO D 150 -13.59 -28.84 45.17
N GLY D 151 -13.71 -27.67 44.55
CA GLY D 151 -14.54 -26.61 45.08
C GLY D 151 -13.75 -25.44 45.61
N GLU D 152 -12.65 -25.72 46.30
CA GLU D 152 -11.83 -24.67 46.87
C GLU D 152 -11.00 -23.98 45.78
N SER D 153 -10.46 -22.82 46.13
CA SER D 153 -9.55 -22.09 45.27
C SER D 153 -8.12 -22.46 45.61
N VAL D 154 -7.22 -22.25 44.65
CA VAL D 154 -5.79 -22.51 44.87
C VAL D 154 -4.98 -21.47 44.11
N SER D 155 -3.80 -21.17 44.63
CA SER D 155 -2.88 -20.23 44.01
C SER D 155 -1.52 -20.91 43.81
N ILE D 156 -0.99 -20.78 42.60
CA ILE D 156 0.33 -21.28 42.24
C ILE D 156 1.21 -20.06 42.01
N SER D 157 2.33 -19.99 42.71
CA SER D 157 3.22 -18.83 42.66
C SER D 157 4.46 -19.17 41.84
N CYS D 158 4.82 -18.27 40.94
CA CYS D 158 6.06 -18.36 40.18
C CYS D 158 6.90 -17.11 40.44
N ARG D 159 8.21 -17.28 40.35
CA ARG D 159 9.13 -16.17 40.63
C ARG D 159 10.28 -16.22 39.63
N SER D 160 10.52 -15.09 38.97
CA SER D 160 11.58 -14.98 37.98
C SER D 160 12.78 -14.24 38.56
N SER D 161 13.96 -14.57 38.03
CA SER D 161 15.17 -13.86 38.43
C SER D 161 15.19 -12.45 37.88
N LYS D 162 15.16 -12.32 36.55
CA LYS D 162 14.97 -11.03 35.91
C LYS D 162 13.49 -10.67 35.91
N SER D 163 13.20 -9.39 35.77
CA SER D 163 11.82 -8.94 35.68
C SER D 163 11.29 -9.17 34.27
N LEU D 164 10.16 -9.86 34.17
CA LEU D 164 9.59 -10.20 32.87
C LEU D 164 8.83 -9.06 32.23
N LEU D 165 8.57 -7.98 32.97
CA LEU D 165 7.91 -6.82 32.38
C LEU D 165 8.85 -6.11 31.43
N HIS D 166 8.35 -5.78 30.25
CA HIS D 166 9.14 -5.15 29.21
C HIS D 166 8.75 -3.68 29.07
N SER D 167 9.56 -2.94 28.32
CA SER D 167 9.31 -1.52 28.15
C SER D 167 8.05 -1.25 27.32
N ASN D 168 7.60 -2.22 26.52
CA ASN D 168 6.40 -2.02 25.72
C ASN D 168 5.12 -2.25 26.50
N GLY D 169 5.21 -2.70 27.76
CA GLY D 169 4.09 -2.70 28.68
C GLY D 169 3.62 -4.09 29.09
N ASN D 170 3.86 -5.09 28.26
CA ASN D 170 3.35 -6.43 28.51
C ASN D 170 4.39 -7.32 29.15
N THR D 171 3.95 -8.15 30.09
CA THR D 171 4.82 -9.04 30.85
C THR D 171 4.75 -10.43 30.24
N TYR D 172 5.90 -10.99 29.90
CA TYR D 172 5.96 -12.24 29.14
C TYR D 172 6.06 -13.42 30.10
N LEU D 173 4.92 -13.79 30.67
CA LEU D 173 4.80 -14.99 31.48
C LEU D 173 3.71 -15.87 30.89
N TYR D 174 3.98 -17.17 30.79
CA TYR D 174 3.04 -18.12 30.24
C TYR D 174 2.81 -19.24 31.27
N TRP D 175 1.55 -19.60 31.46
CA TRP D 175 1.15 -20.67 32.36
C TRP D 175 0.59 -21.82 31.55
N PHE D 176 1.19 -23.00 31.72
CA PHE D 176 0.78 -24.23 31.07
C PHE D 176 0.36 -25.24 32.12
N LEU D 177 -0.56 -26.13 31.74
CA LEU D 177 -1.00 -27.23 32.60
C LEU D 177 -0.77 -28.53 31.86
N GLN D 178 -0.06 -29.45 32.48
CA GLN D 178 0.18 -30.79 31.95
C GLN D 178 -0.60 -31.77 32.83
N ARG D 179 -1.70 -32.28 32.29
CA ARG D 179 -2.50 -33.25 33.02
C ARG D 179 -1.82 -34.61 32.98
N PRO D 180 -2.14 -35.50 33.93
CA PRO D 180 -1.47 -36.81 33.96
C PRO D 180 -1.68 -37.58 32.67
N GLY D 181 -0.56 -37.91 32.01
CA GLY D 181 -0.60 -38.66 30.78
C GLY D 181 -0.94 -37.87 29.54
N GLN D 182 -0.88 -36.54 29.60
CA GLN D 182 -1.22 -35.70 28.46
C GLN D 182 -0.14 -34.66 28.25
N SER D 183 -0.10 -34.11 27.05
CA SER D 183 0.83 -33.04 26.72
C SER D 183 0.41 -31.74 27.41
N PRO D 184 1.34 -30.82 27.59
CA PRO D 184 1.01 -29.55 28.24
C PRO D 184 -0.01 -28.76 27.43
N GLN D 185 -0.81 -27.99 28.15
CA GLN D 185 -1.87 -27.18 27.56
C GLN D 185 -1.71 -25.75 28.04
N LEU D 186 -1.68 -24.81 27.09
CA LEU D 186 -1.55 -23.40 27.45
C LEU D 186 -2.77 -22.93 28.21
N LEU D 187 -2.55 -22.35 29.39
CA LEU D 187 -3.63 -21.73 30.16
C LEU D 187 -3.63 -20.22 29.98
N ILE D 188 -2.51 -19.57 30.24
CA ILE D 188 -2.43 -18.11 30.24
C ILE D 188 -1.21 -17.67 29.45
N TYR D 189 -1.38 -16.67 28.60
CA TYR D 189 -0.26 -16.10 27.85
C TYR D 189 -0.09 -14.64 28.21
N ARG D 190 1.16 -14.22 28.38
CA ARG D 190 1.53 -12.86 28.75
C ARG D 190 0.87 -12.44 30.07
N MET D 191 0.80 -13.40 31.00
CA MET D 191 0.59 -13.20 32.42
C MET D 191 -0.84 -12.83 32.82
N SER D 192 -1.69 -12.47 31.87
CA SER D 192 -3.06 -12.14 32.25
C SER D 192 -4.12 -12.59 31.28
N ASN D 193 -3.78 -13.17 30.14
CA ASN D 193 -4.75 -13.46 29.09
C ASN D 193 -5.12 -14.95 29.12
N LEU D 194 -6.41 -15.23 29.17
CA LEU D 194 -6.87 -16.60 29.11
C LEU D 194 -6.78 -17.13 27.68
N ALA D 195 -6.19 -18.31 27.52
CA ALA D 195 -6.14 -18.94 26.21
C ALA D 195 -7.54 -19.40 25.80
N SER D 196 -7.74 -19.51 24.50
CA SER D 196 -9.05 -19.91 23.99
C SER D 196 -9.34 -21.36 24.40
N GLY D 197 -10.57 -21.59 24.87
CA GLY D 197 -10.97 -22.90 25.34
C GLY D 197 -10.67 -23.17 26.79
N VAL D 198 -10.02 -22.24 27.48
CA VAL D 198 -9.71 -22.40 28.90
C VAL D 198 -10.86 -21.83 29.72
N PRO D 199 -11.43 -22.59 30.64
CA PRO D 199 -12.57 -22.09 31.42
C PRO D 199 -12.19 -20.87 32.24
N GLU D 200 -13.12 -20.01 32.59
CA GLU D 200 -12.73 -18.74 33.26
C GLU D 200 -12.38 -18.91 34.73
N ARG D 201 -12.30 -20.13 35.23
CA ARG D 201 -11.90 -20.33 36.64
C ARG D 201 -10.45 -19.87 36.87
N PHE D 202 -9.61 -19.88 35.84
CA PHE D 202 -8.17 -19.55 35.95
C PHE D 202 -7.92 -18.06 35.76
N SER D 203 -7.06 -17.44 36.57
CA SER D 203 -6.77 -16.01 36.46
C SER D 203 -5.30 -15.78 36.78
N GLY D 204 -4.63 -15.02 35.92
CA GLY D 204 -3.22 -14.75 36.12
C GLY D 204 -2.93 -13.32 36.51
N SER D 205 -2.18 -13.15 37.60
CA SER D 205 -1.77 -11.82 38.03
C SER D 205 -0.30 -11.82 38.39
N GLY D 206 0.24 -10.69 38.79
CA GLY D 206 1.64 -10.57 39.16
C GLY D 206 2.26 -9.30 38.64
N SER D 207 3.47 -9.04 39.14
CA SER D 207 4.14 -7.78 38.85
C SER D 207 5.64 -8.01 38.75
N GLY D 208 6.15 -8.01 37.52
CA GLY D 208 7.58 -7.98 37.30
C GLY D 208 8.30 -9.29 37.54
N THR D 209 8.40 -9.70 38.80
CA THR D 209 9.14 -10.90 39.17
C THR D 209 8.32 -11.92 39.93
N ALA D 210 7.22 -11.53 40.56
CA ALA D 210 6.37 -12.44 41.31
C ALA D 210 5.02 -12.54 40.62
N PHE D 211 4.59 -13.77 40.34
CA PHE D 211 3.38 -14.01 39.57
C PHE D 211 2.55 -15.08 40.26
N THR D 212 1.23 -15.01 40.01
CA THR D 212 0.30 -15.93 40.63
C THR D 212 -0.71 -16.41 39.59
N LEU D 213 -1.04 -17.68 39.66
CA LEU D 213 -2.15 -18.29 38.93
C LEU D 213 -3.18 -18.72 39.95
N THR D 214 -4.44 -18.36 39.73
CA THR D 214 -5.50 -18.65 40.69
C THR D 214 -6.56 -19.51 39.99
N ILE D 215 -6.86 -20.65 40.58
CA ILE D 215 -8.03 -21.44 40.20
C ILE D 215 -9.12 -21.18 41.22
N SER D 216 -10.24 -20.62 40.75
CA SER D 216 -11.31 -20.21 41.67
C SER D 216 -11.94 -21.41 42.35
N ARG D 217 -12.23 -22.47 41.61
CA ARG D 217 -12.81 -23.67 42.18
C ARG D 217 -12.28 -24.90 41.46
N LEU D 218 -11.64 -25.78 42.20
CA LEU D 218 -11.01 -26.96 41.63
C LEU D 218 -12.05 -27.94 41.11
N GLU D 219 -11.67 -28.64 40.04
CA GLU D 219 -12.46 -29.74 39.50
C GLU D 219 -11.55 -30.95 39.36
N ALA D 220 -12.10 -32.04 38.83
CA ALA D 220 -11.30 -33.23 38.59
C ALA D 220 -10.40 -33.09 37.37
N GLU D 221 -10.54 -31.99 36.66
CA GLU D 221 -9.76 -31.81 35.41
C GLU D 221 -8.83 -30.64 35.55
N ASP D 222 -8.52 -30.25 36.78
CA ASP D 222 -7.52 -29.18 36.98
C ASP D 222 -6.30 -29.80 37.63
N VAL D 223 -6.34 -31.11 37.84
CA VAL D 223 -5.22 -31.78 38.54
C VAL D 223 -4.11 -32.08 37.53
N GLY D 224 -2.88 -31.75 37.88
CA GLY D 224 -1.77 -31.88 36.97
C GLY D 224 -0.63 -30.97 37.38
N VAL D 225 0.40 -30.86 36.57
CA VAL D 225 1.58 -30.06 36.89
C VAL D 225 1.49 -28.74 36.16
N TYR D 226 1.73 -27.65 36.88
CA TYR D 226 1.60 -26.30 36.34
C TYR D 226 2.99 -25.72 36.14
N TYR D 227 3.24 -25.23 34.93
CA TYR D 227 4.55 -24.70 34.56
C TYR D 227 4.43 -23.23 34.18
N CYS D 228 5.37 -22.43 34.66
CA CYS D 228 5.51 -21.04 34.24
C CYS D 228 6.73 -20.92 33.34
N MET D 229 6.57 -20.17 32.25
CA MET D 229 7.62 -19.99 31.26
C MET D 229 7.78 -18.52 30.96
N GLN D 230 9.03 -18.10 30.76
CA GLN D 230 9.30 -16.75 30.32
C GLN D 230 9.52 -16.72 28.81
N HIS D 231 8.91 -15.75 28.15
CA HIS D 231 9.15 -15.54 26.73
C HIS D 231 9.78 -14.16 26.50
N LEU D 232 10.39 -13.61 27.55
CA LEU D 232 11.07 -12.32 27.40
C LEU D 232 12.29 -12.43 26.50
N GLU D 233 13.05 -13.51 26.64
CA GLU D 233 14.24 -13.69 25.82
C GLU D 233 14.61 -15.16 25.78
N TYR D 234 15.37 -15.52 24.75
CA TYR D 234 15.85 -16.88 24.56
C TYR D 234 17.15 -17.10 25.33
N PRO D 235 17.38 -18.30 25.87
CA PRO D 235 16.52 -19.48 25.78
C PRO D 235 15.31 -19.40 26.69
N LEU D 236 14.17 -19.91 26.21
CA LEU D 236 12.96 -19.92 27.01
C LEU D 236 13.14 -20.91 28.16
N THR D 237 12.90 -20.44 29.37
CA THR D 237 13.08 -21.26 30.57
C THR D 237 11.73 -21.49 31.25
N PHE D 238 11.62 -22.63 31.90
CA PHE D 238 10.41 -23.04 32.59
C PHE D 238 10.66 -23.09 34.09
N GLY D 239 9.58 -22.99 34.86
CA GLY D 239 9.66 -23.28 36.27
C GLY D 239 9.76 -24.77 36.51
N ALA D 240 10.16 -25.12 37.74
CA ALA D 240 10.30 -26.53 38.09
C ALA D 240 8.97 -27.26 38.01
N GLY D 241 7.85 -26.56 38.10
CA GLY D 241 6.54 -27.18 38.02
C GLY D 241 6.05 -27.68 39.36
N THR D 242 4.86 -27.25 39.76
CA THR D 242 4.22 -27.72 40.98
C THR D 242 2.87 -28.33 40.62
N LYS D 243 2.63 -29.48 41.22
CA LYS D 243 1.50 -30.31 40.87
C LYS D 243 0.34 -30.25 41.83
N LEU D 244 -0.87 -29.94 41.34
CA LEU D 244 -2.06 -30.08 42.17
C LEU D 244 -2.42 -31.55 42.28
N GLU D 245 -2.86 -31.97 43.46
CA GLU D 245 -3.26 -33.36 43.65
C GLU D 245 -4.33 -33.43 44.72
N LEU D 246 -5.28 -34.35 44.52
CA LEU D 246 -6.38 -34.53 45.45
C LEU D 246 -5.91 -35.19 46.74
N PRO E 39 48.27 25.57 -16.75
CA PRO E 39 48.61 26.15 -15.46
C PRO E 39 48.61 27.68 -15.53
N ALA E 40 47.73 28.26 -16.36
CA ALA E 40 47.58 29.75 -16.51
C ALA E 40 46.66 30.29 -15.41
N PRO E 41 46.51 31.61 -15.20
CA PRO E 41 45.50 32.16 -14.28
C PRO E 41 44.05 32.00 -14.78
N LEU E 42 43.84 31.47 -15.99
CA LEU E 42 42.51 31.31 -16.64
C LEU E 42 41.66 30.51 -15.69
N LEU E 43 42.30 29.66 -14.92
CA LEU E 43 41.57 28.81 -13.97
C LEU E 43 40.61 29.68 -13.13
N ALA E 44 40.88 30.98 -12.97
CA ALA E 44 39.99 31.80 -12.15
C ALA E 44 38.59 31.90 -12.74
N GLY E 45 38.40 31.55 -14.00
CA GLY E 45 37.08 31.58 -14.59
C GLY E 45 36.45 30.20 -14.70
N VAL E 46 37.23 29.21 -15.12
CA VAL E 46 36.71 27.85 -15.17
C VAL E 46 36.42 27.29 -13.79
N THR E 47 37.13 27.78 -12.75
CA THR E 47 36.79 27.39 -11.38
C THR E 47 35.39 27.87 -11.02
N ALA E 48 35.04 29.09 -11.42
CA ALA E 48 33.67 29.57 -11.24
C ALA E 48 32.68 28.75 -12.06
N THR E 49 33.03 28.42 -13.30
CA THR E 49 32.18 27.52 -14.08
C THR E 49 32.10 26.14 -13.43
N CYS E 50 33.20 25.65 -12.88
CA CYS E 50 33.19 24.35 -12.22
C CYS E 50 32.28 24.36 -10.99
N VAL E 51 32.33 25.41 -10.17
CA VAL E 51 31.47 25.44 -8.99
C VAL E 51 30.01 25.68 -9.36
N ALA E 52 29.74 26.44 -10.42
CA ALA E 52 28.38 26.54 -10.93
C ALA E 52 27.87 25.19 -11.41
N LEU E 53 28.73 24.42 -12.09
CA LEU E 53 28.38 23.05 -12.46
C LEU E 53 28.12 22.20 -11.23
N PHE E 54 28.93 22.38 -10.18
CA PHE E 54 28.68 21.72 -8.90
C PHE E 54 27.27 22.00 -8.40
N VAL E 55 26.90 23.28 -8.34
CA VAL E 55 25.58 23.64 -7.80
C VAL E 55 24.47 23.06 -8.67
N VAL E 56 24.59 23.19 -9.99
CA VAL E 56 23.55 22.69 -10.88
C VAL E 56 23.41 21.17 -10.76
N GLY E 57 24.53 20.46 -10.77
CA GLY E 57 24.49 19.02 -10.67
C GLY E 57 23.97 18.52 -9.34
N ILE E 58 24.35 19.19 -8.26
CA ILE E 58 23.84 18.80 -6.94
C ILE E 58 22.34 19.03 -6.87
N ALA E 59 21.87 20.19 -7.35
CA ALA E 59 20.44 20.45 -7.37
C ALA E 59 19.68 19.49 -8.27
N GLY E 60 20.30 18.99 -9.34
CA GLY E 60 19.62 18.04 -10.20
C GLY E 60 19.67 16.60 -9.71
N ASN E 61 20.69 16.26 -8.92
CA ASN E 61 20.89 14.89 -8.48
C ASN E 61 20.26 14.61 -7.12
N LEU E 62 20.45 15.51 -6.15
CA LEU E 62 19.76 15.35 -4.88
C LEU E 62 18.25 15.41 -5.05
N LEU E 63 17.78 16.25 -5.97
CA LEU E 63 16.35 16.33 -6.26
C LEU E 63 15.81 14.98 -6.73
N THR E 64 16.54 14.31 -7.61
CA THR E 64 16.04 13.07 -8.21
C THR E 64 15.79 11.99 -7.16
N MET E 65 16.71 11.83 -6.21
CA MET E 65 16.55 10.78 -5.21
C MET E 65 15.36 11.02 -4.30
N LEU E 66 15.21 12.23 -3.77
CA LEU E 66 14.09 12.56 -2.91
C LEU E 66 12.78 12.71 -3.67
N VAL E 67 12.82 12.80 -4.99
CA VAL E 67 11.60 12.72 -5.78
C VAL E 67 11.19 11.27 -6.02
N VAL E 68 12.16 10.40 -6.33
CA VAL E 68 11.86 8.99 -6.53
C VAL E 68 11.38 8.34 -5.24
N SER E 69 12.02 8.68 -4.11
CA SER E 69 11.64 8.07 -2.84
C SER E 69 10.22 8.44 -2.44
N ARG E 70 9.85 9.72 -2.60
CA ARG E 70 8.57 10.19 -2.09
C ARG E 70 7.39 9.65 -2.88
N PHE E 71 7.48 9.67 -4.21
CA PHE E 71 6.35 9.36 -5.07
C PHE E 71 6.35 7.89 -5.45
N ARG E 72 5.23 7.20 -5.17
CA ARG E 72 5.15 5.78 -5.42
C ARG E 72 5.22 5.47 -6.92
N GLU E 73 4.56 6.28 -7.75
CA GLU E 73 4.53 6.01 -9.17
C GLU E 73 5.83 6.33 -9.89
N LEU E 74 6.79 6.94 -9.19
CA LEU E 74 8.09 7.28 -9.78
C LEU E 74 9.16 6.27 -9.40
N ARG E 75 8.78 5.00 -9.33
CA ARG E 75 9.73 3.91 -9.12
C ARG E 75 9.66 2.97 -10.32
N THR E 76 9.68 3.55 -11.52
CA THR E 76 9.34 2.86 -12.77
C THR E 76 10.54 2.21 -13.42
N THR E 77 11.51 1.75 -12.62
CA THR E 77 12.67 0.92 -12.97
C THR E 77 13.55 1.58 -14.02
N THR E 78 13.21 2.81 -14.41
CA THR E 78 14.09 3.65 -15.21
C THR E 78 14.72 4.75 -14.37
N ASN E 79 13.93 5.35 -13.48
CA ASN E 79 14.44 6.32 -12.52
C ASN E 79 15.06 5.65 -11.30
N LEU E 80 15.00 4.33 -11.19
CA LEU E 80 15.85 3.63 -10.23
C LEU E 80 17.31 3.69 -10.65
N TYR E 81 17.58 3.37 -11.92
CA TYR E 81 18.91 3.57 -12.47
C TYR E 81 19.30 5.03 -12.43
N LEU E 82 18.36 5.93 -12.71
CA LEU E 82 18.64 7.34 -12.62
C LEU E 82 18.95 7.79 -11.19
N SER E 83 18.31 7.19 -10.19
CA SER E 83 18.65 7.48 -8.81
C SER E 83 20.06 7.00 -8.48
N SER E 84 20.41 5.79 -8.95
CA SER E 84 21.77 5.31 -8.74
C SER E 84 22.80 6.21 -9.40
N MET E 85 22.54 6.64 -10.63
CA MET E 85 23.45 7.56 -11.33
C MET E 85 23.47 8.94 -10.68
N ALA E 86 22.36 9.37 -10.08
CA ALA E 86 22.36 10.60 -9.30
C ALA E 86 23.23 10.46 -8.07
N PHE E 87 23.21 9.29 -7.44
CA PHE E 87 24.13 9.07 -6.30
C PHE E 87 25.57 9.14 -6.81
N SER E 88 25.85 8.45 -7.91
CA SER E 88 27.20 8.46 -8.45
C SER E 88 27.68 9.88 -8.78
N ASP E 89 26.83 10.68 -9.43
CA ASP E 89 27.18 12.06 -9.71
C ASP E 89 27.30 12.91 -8.45
N LEU E 90 26.48 12.61 -7.44
CA LEU E 90 26.60 13.28 -6.16
C LEU E 90 27.97 13.04 -5.53
N LEU E 91 28.43 11.80 -5.51
CA LEU E 91 29.76 11.65 -4.88
C LEU E 91 30.78 12.25 -5.82
N ILE E 92 30.65 12.07 -7.13
CA ILE E 92 31.64 12.70 -8.01
C ILE E 92 31.80 14.17 -7.64
N PHE E 93 30.67 14.88 -7.48
CA PHE E 93 30.75 16.29 -7.09
C PHE E 93 31.27 16.48 -5.68
N LEU E 94 31.07 15.51 -4.79
CA LEU E 94 31.64 15.59 -3.45
C LEU E 94 33.16 15.40 -3.47
N CYS E 95 33.67 14.53 -4.34
CA CYS E 95 35.11 14.39 -4.56
C CYS E 95 35.69 15.55 -5.36
N MET E 96 34.84 16.31 -6.05
CA MET E 96 35.32 17.40 -6.89
C MET E 96 36.19 18.44 -6.19
N PRO E 97 35.87 18.93 -4.98
CA PRO E 97 36.72 19.98 -4.38
C PRO E 97 38.17 19.58 -4.24
N LEU E 98 38.45 18.33 -3.89
CA LEU E 98 39.83 17.87 -3.81
C LEU E 98 40.49 17.88 -5.19
N ASP E 99 39.69 17.74 -6.25
CA ASP E 99 40.22 17.81 -7.61
C ASP E 99 40.53 19.24 -8.01
N LEU E 100 39.71 20.19 -7.54
CA LEU E 100 39.83 21.57 -8.00
C LEU E 100 41.17 22.19 -7.62
N VAL E 101 41.67 21.89 -6.42
CA VAL E 101 42.88 22.56 -5.93
C VAL E 101 44.10 22.20 -6.77
N ARG E 102 44.11 21.00 -7.36
CA ARG E 102 45.31 20.52 -8.10
C ARG E 102 45.51 21.32 -9.38
N LEU E 103 44.43 21.85 -9.96
CA LEU E 103 44.53 22.53 -11.26
C LEU E 103 45.46 23.74 -11.19
N TRP E 104 45.67 24.28 -9.98
CA TRP E 104 46.29 25.60 -9.85
C TRP E 104 47.76 25.58 -10.23
N GLN E 105 48.51 24.62 -9.72
CA GLN E 105 49.93 24.53 -10.04
C GLN E 105 50.49 23.14 -9.73
N PRO E 108 53.10 20.32 -5.78
CA PRO E 108 53.59 20.83 -4.50
C PRO E 108 52.49 20.87 -3.43
N TRP E 109 51.73 19.78 -3.31
CA TRP E 109 50.59 19.73 -2.42
C TRP E 109 50.87 18.75 -1.29
N ASN E 110 50.76 19.25 -0.05
CA ASN E 110 50.75 18.41 1.15
C ASN E 110 49.34 18.17 1.64
N PHE E 111 48.38 18.08 0.72
CA PHE E 111 46.97 18.13 1.09
C PHE E 111 46.57 16.95 1.96
N GLY E 112 47.29 15.83 1.87
CA GLY E 112 46.98 14.71 2.74
C GLY E 112 47.81 13.49 2.41
N ASP E 113 47.43 12.37 3.02
CA ASP E 113 48.05 11.06 2.71
C ASP E 113 46.88 10.08 2.71
N LEU E 114 46.76 9.22 1.71
CA LEU E 114 45.57 8.34 1.57
C LEU E 114 44.40 9.26 1.25
N LEU E 115 44.71 10.45 0.76
CA LEU E 115 43.63 11.33 0.20
C LEU E 115 43.59 10.99 -1.29
N CYS E 116 44.72 10.76 -1.95
CA CYS E 116 44.77 10.30 -3.36
C CYS E 116 44.05 8.97 -3.54
N LYS E 117 44.23 8.02 -2.66
CA LYS E 117 43.48 6.76 -2.92
C LYS E 117 41.98 6.99 -2.80
N LEU E 118 41.47 7.56 -1.70
CA LEU E 118 40.00 7.69 -1.48
C LEU E 118 39.47 8.85 -2.32
N PHE E 119 40.34 9.76 -2.76
CA PHE E 119 39.95 10.73 -3.77
C PHE E 119 39.79 10.09 -5.15
N GLN E 120 40.86 9.54 -5.71
CA GLN E 120 40.81 8.97 -7.05
C GLN E 120 40.17 7.59 -7.06
N PHE E 121 39.77 7.06 -5.91
CA PHE E 121 39.01 5.83 -5.88
C PHE E 121 37.52 6.08 -6.01
N VAL E 122 36.96 6.90 -5.12
CA VAL E 122 35.52 7.16 -5.17
C VAL E 122 35.14 7.87 -6.46
N SER E 123 36.02 8.77 -6.96
CA SER E 123 35.74 9.56 -8.19
C SER E 123 35.66 8.64 -9.38
N GLU E 124 36.75 7.94 -9.69
CA GLU E 124 36.84 7.01 -10.84
C GLU E 124 35.86 5.87 -10.62
N SER E 125 35.67 5.41 -9.40
CA SER E 125 34.73 4.28 -9.28
C SER E 125 33.37 4.79 -9.72
N CYS E 126 33.05 6.03 -9.39
CA CYS E 126 31.78 6.70 -9.77
C CYS E 126 31.69 6.95 -11.27
N THR E 127 32.79 7.37 -11.92
CA THR E 127 32.79 7.49 -13.39
C THR E 127 32.38 6.12 -13.90
N TYR E 128 32.86 5.04 -13.30
CA TYR E 128 32.53 3.70 -13.82
C TYR E 128 31.07 3.32 -13.54
N ALA E 129 30.56 3.61 -12.35
CA ALA E 129 29.17 3.35 -11.99
C ALA E 129 28.20 4.14 -12.83
N LYS E 130 28.47 5.41 -13.14
CA LYS E 130 27.56 6.18 -13.97
C LYS E 130 27.59 5.73 -15.42
N VAL E 131 28.76 5.40 -15.97
CA VAL E 131 28.78 4.87 -17.33
C VAL E 131 28.14 3.50 -17.43
N LEU E 132 28.32 2.64 -16.43
CA LEU E 132 27.63 1.36 -16.41
C LEU E 132 26.13 1.51 -16.20
N THR E 133 25.70 2.52 -15.44
CA THR E 133 24.28 2.81 -15.30
C THR E 133 23.70 3.33 -16.60
N ILE E 134 24.47 4.11 -17.36
CA ILE E 134 24.03 4.54 -18.68
C ILE E 134 23.86 3.33 -19.60
N THR E 135 24.82 2.41 -19.57
CA THR E 135 24.69 1.18 -20.34
C THR E 135 23.44 0.39 -19.93
N ALA E 136 23.21 0.27 -18.62
CA ALA E 136 22.03 -0.43 -18.14
C ALA E 136 20.74 0.26 -18.57
N LEU E 137 20.70 1.59 -18.51
CA LEU E 137 19.54 2.32 -19.00
C LEU E 137 19.31 2.06 -20.48
N SER E 138 20.38 1.96 -21.27
CA SER E 138 20.22 1.63 -22.71
C SER E 138 19.56 0.27 -22.87
N VAL E 139 20.04 -0.75 -22.17
CA VAL E 139 19.50 -2.13 -22.32
C VAL E 139 18.04 -2.15 -21.87
N GLU E 140 17.74 -1.45 -20.77
CA GLU E 140 16.34 -1.38 -20.25
C GLU E 140 15.45 -0.70 -21.28
N ARG E 141 15.93 0.38 -21.89
CA ARG E 141 15.14 1.06 -22.96
C ARG E 141 14.95 0.07 -24.11
N TYR E 142 16.01 -0.62 -24.53
CA TYR E 142 15.90 -1.55 -25.65
C TYR E 142 14.92 -2.67 -25.34
N PHE E 143 15.00 -3.26 -24.14
CA PHE E 143 14.08 -4.32 -23.77
C PHE E 143 12.65 -3.82 -23.73
N ALA E 144 12.42 -2.67 -23.10
CA ALA E 144 11.07 -2.16 -22.90
C ALA E 144 10.42 -1.65 -24.19
N ILE E 145 11.20 -1.28 -25.19
CA ILE E 145 10.67 -0.73 -26.44
C ILE E 145 10.62 -1.79 -27.54
N CYS E 146 11.72 -2.50 -27.76
CA CYS E 146 11.76 -3.47 -28.84
C CYS E 146 11.12 -4.80 -28.47
N PHE E 147 11.05 -5.14 -27.19
CA PHE E 147 10.40 -6.36 -26.73
C PHE E 147 9.49 -6.00 -25.56
N PRO E 148 8.37 -5.33 -25.84
CA PRO E 148 7.57 -4.75 -24.75
C PRO E 148 6.89 -5.79 -23.88
N LEU E 149 6.30 -6.81 -24.50
CA LEU E 149 5.65 -7.89 -23.74
C LEU E 149 6.65 -8.81 -23.06
N ARG E 150 7.72 -9.18 -23.76
CA ARG E 150 8.76 -9.99 -23.15
C ARG E 150 9.41 -9.25 -21.98
N ALA E 151 9.59 -7.94 -22.10
CA ALA E 151 10.06 -7.14 -20.98
C ALA E 151 9.03 -7.05 -19.86
N LYS E 152 7.75 -6.94 -20.20
CA LYS E 152 6.68 -6.97 -19.21
C LYS E 152 6.70 -8.25 -18.39
N VAL E 153 7.07 -9.36 -19.02
CA VAL E 153 7.13 -10.66 -18.34
C VAL E 153 8.45 -10.84 -17.59
N VAL E 154 9.55 -10.34 -18.14
CA VAL E 154 10.88 -10.67 -17.61
C VAL E 154 11.30 -9.67 -16.56
N VAL E 155 11.30 -8.38 -16.88
CA VAL E 155 11.76 -7.35 -15.95
C VAL E 155 10.72 -7.19 -14.85
N THR E 156 11.11 -7.51 -13.62
CA THR E 156 10.20 -7.51 -12.48
C THR E 156 10.61 -6.55 -11.38
N LYS E 157 11.61 -5.70 -11.61
CA LYS E 157 12.08 -4.71 -10.65
C LYS E 157 12.75 -5.37 -9.45
N GLY E 158 12.75 -6.70 -9.41
CA GLY E 158 13.51 -7.43 -8.42
C GLY E 158 14.90 -7.72 -8.96
N ARG E 159 14.96 -8.05 -10.26
CA ARG E 159 16.24 -8.24 -10.93
C ARG E 159 16.95 -6.93 -11.19
N VAL E 160 16.21 -5.81 -11.23
CA VAL E 160 16.82 -4.53 -11.53
C VAL E 160 17.70 -4.07 -10.36
N LYS E 161 17.24 -4.38 -9.15
CA LYS E 161 18.01 -4.02 -7.93
C LYS E 161 19.29 -4.83 -7.98
N LEU E 162 19.21 -6.10 -8.38
CA LEU E 162 20.39 -6.95 -8.51
C LEU E 162 21.35 -6.41 -9.56
N VAL E 163 20.82 -5.93 -10.68
CA VAL E 163 21.67 -5.32 -11.72
C VAL E 163 22.39 -4.10 -11.17
N ILE E 164 21.71 -3.29 -10.36
CA ILE E 164 22.38 -2.14 -9.75
C ILE E 164 23.54 -2.57 -8.86
N PHE E 165 23.32 -3.62 -8.05
CA PHE E 165 24.38 -4.14 -7.20
C PHE E 165 25.55 -4.69 -8.00
N VAL E 166 25.26 -5.41 -9.09
CA VAL E 166 26.32 -5.89 -9.97
C VAL E 166 27.09 -4.73 -10.57
N ILE E 167 26.39 -3.67 -10.99
CA ILE E 167 27.05 -2.51 -11.57
C ILE E 167 27.99 -1.87 -10.55
N TRP E 168 27.52 -1.69 -9.32
CA TRP E 168 28.38 -1.08 -8.30
C TRP E 168 29.56 -1.97 -7.96
N ALA E 169 29.35 -3.29 -7.89
CA ALA E 169 30.45 -4.20 -7.60
C ALA E 169 31.51 -4.15 -8.70
N VAL E 170 31.07 -4.14 -9.96
CA VAL E 170 32.02 -4.07 -11.07
C VAL E 170 32.74 -2.73 -11.06
N ALA E 171 32.03 -1.64 -10.75
CA ALA E 171 32.68 -0.34 -10.67
C ALA E 171 33.75 -0.31 -9.59
N PHE E 172 33.47 -0.92 -8.44
CA PHE E 172 34.44 -0.94 -7.35
C PHE E 172 35.63 -1.85 -7.65
N CYS E 173 35.38 -3.05 -8.19
CA CYS E 173 36.48 -3.97 -8.50
C CYS E 173 37.32 -3.48 -9.67
N SER E 174 36.74 -2.76 -10.63
CA SER E 174 37.51 -2.20 -11.72
C SER E 174 38.29 -0.97 -11.29
N ALA E 175 37.78 -0.23 -10.30
CA ALA E 175 38.50 0.87 -9.69
C ALA E 175 39.26 0.43 -8.44
N GLY E 176 39.46 -0.87 -8.27
CA GLY E 176 40.27 -1.39 -7.19
C GLY E 176 41.71 -0.91 -7.20
N PRO E 177 42.46 -1.25 -8.23
CA PRO E 177 43.91 -0.98 -8.23
C PRO E 177 44.29 0.49 -8.20
N ILE E 178 43.31 1.41 -8.14
CA ILE E 178 43.63 2.80 -7.92
C ILE E 178 44.22 3.00 -6.53
N PHE E 179 43.93 2.08 -5.60
CA PHE E 179 44.55 2.11 -4.29
C PHE E 179 46.06 1.98 -4.39
N VAL E 180 46.56 1.39 -5.47
CA VAL E 180 47.97 1.06 -5.62
C VAL E 180 48.65 1.98 -6.63
N LEU E 181 48.04 2.17 -7.80
CA LEU E 181 48.76 2.80 -8.89
C LEU E 181 49.07 4.27 -8.64
N VAL E 182 48.27 4.94 -7.82
CA VAL E 182 48.45 6.36 -7.53
C VAL E 182 48.65 6.55 -6.03
N GLY E 183 49.69 7.30 -5.68
CA GLY E 183 49.88 7.76 -4.32
C GLY E 183 50.43 9.17 -4.30
N VAL E 184 51.50 9.38 -3.53
CA VAL E 184 52.24 10.63 -3.53
C VAL E 184 53.71 10.29 -3.62
N GLU E 185 54.46 11.11 -4.34
CA GLU E 185 55.89 10.86 -4.51
C GLU E 185 56.57 12.17 -4.91
N HIS E 186 57.38 12.71 -4.00
CA HIS E 186 58.24 13.82 -4.36
C HIS E 186 59.53 13.30 -5.00
N GLU E 187 60.15 14.14 -5.83
CA GLU E 187 61.29 13.71 -6.60
C GLU E 187 62.47 13.39 -5.70
N PRO E 192 63.12 18.33 -1.64
CA PRO E 192 62.32 18.32 -0.40
C PRO E 192 60.88 17.89 -0.59
N TRP E 193 60.13 17.89 0.51
CA TRP E 193 58.73 17.50 0.51
C TRP E 193 57.82 18.48 -0.22
N ASP E 194 58.32 19.66 -0.57
CA ASP E 194 57.48 20.70 -1.16
C ASP E 194 57.27 20.51 -2.66
N THR E 195 57.80 19.44 -3.26
CA THR E 195 57.66 19.20 -4.69
C THR E 195 56.97 17.88 -5.00
N ASN E 196 56.13 17.40 -4.10
CA ASN E 196 55.39 16.17 -4.34
C ASN E 196 54.12 16.44 -5.16
N GLU E 197 53.52 15.37 -5.66
CA GLU E 197 52.34 15.45 -6.51
C GLU E 197 51.36 14.35 -6.14
N CYS E 198 50.09 14.58 -6.48
CA CYS E 198 49.10 13.51 -6.49
C CYS E 198 49.16 12.90 -7.87
N ARG E 199 50.09 11.98 -8.04
CA ARG E 199 50.48 11.43 -9.33
C ARG E 199 50.53 9.91 -9.24
N PRO E 200 50.44 9.21 -10.36
CA PRO E 200 50.71 7.77 -10.36
C PRO E 200 52.19 7.54 -10.06
N THR E 201 52.46 6.91 -8.92
CA THR E 201 53.82 6.78 -8.45
C THR E 201 54.67 6.02 -9.47
N GLU E 202 55.96 6.38 -9.52
CA GLU E 202 56.86 5.90 -10.56
C GLU E 202 56.98 4.38 -10.61
N PHE E 203 56.45 3.67 -9.61
CA PHE E 203 56.38 2.22 -9.70
C PHE E 203 55.51 1.79 -10.88
N ALA E 204 54.41 2.49 -11.10
CA ALA E 204 53.55 2.21 -12.24
C ALA E 204 54.18 2.65 -13.56
N VAL E 205 54.88 3.79 -13.57
CA VAL E 205 55.51 4.27 -14.78
C VAL E 205 56.61 3.32 -15.23
N ARG E 206 57.46 2.88 -14.29
CA ARG E 206 58.51 1.93 -14.64
C ARG E 206 57.93 0.58 -15.04
N SER E 207 56.84 0.15 -14.40
CA SER E 207 56.20 -1.10 -14.71
C SER E 207 55.11 -0.87 -15.76
N GLY E 208 54.25 -1.86 -15.96
CA GLY E 208 53.17 -1.77 -16.91
C GLY E 208 51.83 -1.62 -16.25
N LEU E 209 51.75 -0.80 -15.20
CA LEU E 209 50.53 -0.61 -14.44
C LEU E 209 49.70 0.57 -14.93
N LEU E 210 50.31 1.73 -15.10
CA LEU E 210 49.58 2.92 -15.53
C LEU E 210 49.08 2.77 -16.96
N THR E 211 49.95 2.32 -17.86
CA THR E 211 49.56 2.18 -19.27
C THR E 211 48.59 1.03 -19.52
N VAL E 212 48.49 0.09 -18.59
CA VAL E 212 47.45 -0.93 -18.69
C VAL E 212 46.14 -0.46 -18.06
N MET E 213 46.22 0.33 -16.99
CA MET E 213 45.00 0.91 -16.45
C MET E 213 44.39 1.95 -17.37
N VAL E 214 45.19 2.58 -18.24
CA VAL E 214 44.61 3.40 -19.29
C VAL E 214 43.68 2.56 -20.16
N TRP E 215 44.11 1.37 -20.56
CA TRP E 215 43.27 0.45 -21.32
C TRP E 215 42.06 -0.01 -20.52
N VAL E 216 42.26 -0.32 -19.24
CA VAL E 216 41.15 -0.77 -18.40
C VAL E 216 40.07 0.30 -18.30
N SER E 217 40.48 1.57 -18.15
CA SER E 217 39.52 2.66 -18.11
C SER E 217 38.87 2.89 -19.47
N SER E 218 39.64 2.80 -20.55
CA SER E 218 39.08 2.97 -21.89
C SER E 218 38.11 1.88 -22.27
N ILE E 219 38.16 0.73 -21.59
CA ILE E 219 37.08 -0.25 -21.73
C ILE E 219 35.74 0.39 -21.37
N PHE E 220 35.73 1.19 -20.31
CA PHE E 220 34.51 1.86 -19.86
C PHE E 220 34.06 2.97 -20.78
N PHE E 221 34.83 3.29 -21.81
CA PHE E 221 34.36 4.11 -22.91
C PHE E 221 33.89 3.27 -24.09
N PHE E 222 34.72 2.31 -24.51
CA PHE E 222 34.41 1.55 -25.72
C PHE E 222 33.16 0.69 -25.55
N LEU E 223 33.03 0.01 -24.41
CA LEU E 223 31.85 -0.84 -24.24
C LEU E 223 30.57 -0.02 -24.23
N PRO E 224 30.45 1.04 -23.41
CA PRO E 224 29.20 1.81 -23.43
C PRO E 224 28.92 2.49 -24.76
N VAL E 225 29.91 3.04 -25.45
CA VAL E 225 29.56 3.69 -26.72
C VAL E 225 29.09 2.64 -27.72
N PHE E 226 29.74 1.47 -27.76
CA PHE E 226 29.37 0.41 -28.66
C PHE E 226 28.06 -0.28 -28.28
N CYS E 227 27.56 -0.04 -27.06
CA CYS E 227 26.22 -0.51 -26.72
C CYS E 227 25.13 0.52 -26.96
N LEU E 228 25.33 1.77 -26.52
CA LEU E 228 24.34 2.80 -26.81
C LEU E 228 24.14 3.00 -28.30
N THR E 229 25.22 3.06 -29.08
CA THR E 229 25.04 3.28 -30.51
C THR E 229 24.20 2.20 -31.15
N VAL E 230 24.52 0.93 -30.89
CA VAL E 230 23.82 -0.16 -31.55
C VAL E 230 22.39 -0.29 -31.03
N LEU E 231 22.18 -0.18 -29.71
CA LEU E 231 20.84 -0.33 -29.17
C LEU E 231 19.93 0.83 -29.56
N TYR E 232 20.43 2.06 -29.52
CA TYR E 232 19.63 3.21 -29.90
C TYR E 232 19.45 3.31 -31.42
N SER E 233 20.30 2.67 -32.21
CA SER E 233 20.03 2.52 -33.63
C SER E 233 18.96 1.46 -33.89
N LEU E 234 19.00 0.34 -33.16
CA LEU E 234 17.95 -0.65 -33.28
C LEU E 234 16.59 -0.10 -32.86
N ILE E 235 16.56 0.67 -31.77
CA ILE E 235 15.32 1.27 -31.32
C ILE E 235 14.76 2.23 -32.37
N GLY E 236 15.62 3.06 -32.94
CA GLY E 236 15.19 3.95 -34.02
C GLY E 236 14.76 3.23 -35.27
N ARG E 237 15.38 2.10 -35.58
CA ARG E 237 14.97 1.31 -36.74
C ARG E 237 13.59 0.71 -36.51
N LYS E 238 13.33 0.23 -35.30
CA LYS E 238 12.00 -0.29 -34.98
C LYS E 238 10.94 0.79 -35.13
N LEU E 239 11.20 1.97 -34.55
CA LEU E 239 10.19 3.02 -34.51
C LEU E 239 9.89 3.53 -35.92
N TRP E 240 10.92 3.68 -36.75
CA TRP E 240 10.68 4.15 -38.11
C TRP E 240 9.94 3.10 -38.93
N ARG E 241 10.23 1.81 -38.70
CA ARG E 241 9.46 0.76 -39.34
C ARG E 241 8.06 0.65 -38.74
N ARG E 242 7.92 0.80 -37.42
CA ARG E 242 6.55 0.80 -36.83
C ARG E 242 5.75 1.95 -37.45
N ARG E 243 6.39 3.07 -37.73
CA ARG E 243 5.68 4.22 -38.29
C ARG E 243 4.84 3.84 -39.50
N ASP E 255 4.84 9.24 -36.92
CA ASP E 255 4.42 10.32 -36.03
C ASP E 255 5.58 11.27 -35.75
N GLN E 256 5.25 12.52 -35.42
CA GLN E 256 6.27 13.48 -35.05
C GLN E 256 6.86 13.16 -33.69
N ASN E 257 6.12 12.45 -32.85
CA ASN E 257 6.63 12.08 -31.53
C ASN E 257 7.80 11.12 -31.63
N HIS E 258 7.72 10.16 -32.56
CA HIS E 258 8.83 9.23 -32.75
C HIS E 258 10.07 9.96 -33.24
N LYS E 259 9.90 11.02 -34.03
CA LYS E 259 11.03 11.87 -34.38
C LYS E 259 11.65 12.48 -33.15
N GLN E 260 10.83 12.90 -32.19
CA GLN E 260 11.36 13.47 -30.94
C GLN E 260 12.15 12.42 -30.15
N THR E 261 11.65 11.19 -30.10
CA THR E 261 12.39 10.13 -29.41
C THR E 261 13.72 9.84 -30.08
N VAL E 262 13.72 9.80 -31.42
CA VAL E 262 14.96 9.57 -32.15
C VAL E 262 15.95 10.71 -31.86
N LYS E 263 15.46 11.94 -31.85
CA LYS E 263 16.31 13.08 -31.54
C LYS E 263 16.87 12.98 -30.13
N MET E 264 16.04 12.57 -29.18
CA MET E 264 16.50 12.43 -27.80
C MET E 264 17.60 11.39 -27.67
N LEU E 265 17.41 10.23 -28.30
CA LEU E 265 18.43 9.18 -28.17
C LEU E 265 19.71 9.56 -28.92
N ALA E 266 19.58 10.26 -30.06
CA ALA E 266 20.76 10.76 -30.74
C ALA E 266 21.50 11.78 -29.90
N VAL E 267 20.76 12.64 -29.20
CA VAL E 267 21.40 13.62 -28.32
C VAL E 267 22.09 12.92 -27.16
N VAL E 268 21.49 11.85 -26.63
CA VAL E 268 22.13 11.09 -25.55
C VAL E 268 23.45 10.50 -26.04
N VAL E 269 23.44 9.89 -27.23
CA VAL E 269 24.67 9.30 -27.75
C VAL E 269 25.72 10.38 -28.00
N PHE E 270 25.31 11.50 -28.59
CA PHE E 270 26.25 12.59 -28.88
C PHE E 270 26.83 13.17 -27.61
N ALA E 271 26.01 13.33 -26.57
CA ALA E 271 26.50 13.83 -25.29
C ALA E 271 27.48 12.87 -24.67
N PHE E 272 27.21 11.57 -24.75
CA PHE E 272 28.15 10.59 -24.23
C PHE E 272 29.48 10.67 -24.96
N ILE E 273 29.46 10.76 -26.29
CA ILE E 273 30.71 10.82 -27.04
C ILE E 273 31.46 12.11 -26.75
N LEU E 274 30.72 13.20 -26.55
CA LEU E 274 31.36 14.49 -26.32
C LEU E 274 32.00 14.55 -24.94
N CYS E 275 31.29 14.06 -23.92
CA CYS E 275 31.81 14.15 -22.56
C CYS E 275 32.97 13.19 -22.33
N TRP E 276 32.88 11.96 -22.87
CA TRP E 276 33.84 10.88 -22.53
C TRP E 276 35.02 10.67 -23.46
N LEU E 277 34.89 10.82 -24.74
CA LEU E 277 36.08 10.55 -25.58
C LEU E 277 37.17 11.56 -25.30
N PRO E 278 36.93 12.89 -25.13
CA PRO E 278 37.99 13.83 -24.82
C PRO E 278 38.72 13.45 -23.54
N PHE E 279 38.03 13.00 -22.49
CA PHE E 279 38.66 12.45 -21.27
C PHE E 279 39.53 11.28 -21.64
N HIS E 280 38.95 10.20 -22.15
CA HIS E 280 39.73 8.97 -22.35
C HIS E 280 40.96 9.31 -23.20
N VAL E 281 40.85 10.24 -24.13
CA VAL E 281 41.99 10.56 -25.04
C VAL E 281 43.08 11.25 -24.24
N GLY E 282 42.70 12.12 -23.32
CA GLY E 282 43.67 12.90 -22.55
C GLY E 282 44.25 11.98 -21.54
N ARG E 283 43.42 11.11 -21.01
CA ARG E 283 44.05 10.13 -20.14
C ARG E 283 45.15 9.37 -20.87
N TYR E 284 44.89 8.95 -22.10
CA TYR E 284 45.94 8.36 -22.93
C TYR E 284 47.02 9.39 -23.25
N LEU E 285 46.67 10.67 -23.26
CA LEU E 285 47.59 11.70 -23.73
C LEU E 285 48.70 11.94 -22.71
N PHE E 286 48.36 11.96 -21.43
CA PHE E 286 49.41 11.81 -20.42
C PHE E 286 49.50 10.32 -20.16
N SER E 287 50.34 9.90 -19.22
CA SER E 287 50.71 8.50 -19.03
C SER E 287 51.43 8.00 -20.28
N LYS E 288 51.72 8.91 -21.20
CA LYS E 288 52.61 8.69 -22.32
C LYS E 288 53.85 9.58 -22.27
N SER E 289 53.76 10.70 -21.55
CA SER E 289 54.93 11.57 -21.41
C SER E 289 55.93 11.02 -20.42
N PHE E 290 55.52 10.02 -19.62
CA PHE E 290 56.38 9.56 -18.53
C PHE E 290 57.44 8.58 -19.02
N GLU E 291 57.02 7.43 -19.55
CA GLU E 291 57.97 6.37 -19.86
C GLU E 291 58.77 6.67 -21.11
N PRO E 292 58.13 6.98 -22.26
CA PRO E 292 58.93 7.37 -23.44
C PRO E 292 59.52 8.77 -23.34
N GLY E 293 59.02 9.62 -22.46
CA GLY E 293 59.51 10.97 -22.36
C GLY E 293 59.11 11.84 -23.53
N SER E 294 57.81 12.12 -23.67
CA SER E 294 57.33 12.97 -24.74
C SER E 294 57.84 14.39 -24.56
N LEU E 295 58.20 15.04 -25.66
CA LEU E 295 58.82 16.37 -25.61
C LEU E 295 57.79 17.48 -25.75
N GLU E 296 57.07 17.50 -26.87
CA GLU E 296 56.09 18.54 -27.14
C GLU E 296 54.65 18.09 -26.91
N ILE E 297 54.42 16.78 -26.83
CA ILE E 297 53.07 16.28 -26.60
C ILE E 297 52.53 16.72 -25.26
N ALA E 298 53.40 17.03 -24.30
CA ALA E 298 52.97 17.54 -23.00
C ALA E 298 52.22 18.87 -23.11
N GLN E 299 52.44 19.64 -24.18
CA GLN E 299 51.65 20.85 -24.38
C GLN E 299 50.19 20.52 -24.61
N ILE E 300 49.91 19.55 -25.48
CA ILE E 300 48.53 19.11 -25.68
C ILE E 300 48.02 18.38 -24.45
N SER E 301 48.90 17.70 -23.72
CA SER E 301 48.49 16.84 -22.62
C SER E 301 47.66 17.58 -21.58
N GLN E 302 48.16 18.74 -21.09
CA GLN E 302 47.53 19.47 -19.96
C GLN E 302 46.23 20.09 -20.45
N TYR E 303 46.28 20.78 -21.58
CA TYR E 303 45.05 21.46 -22.06
C TYR E 303 43.92 20.46 -22.33
N CYS E 304 44.25 19.31 -22.90
CA CYS E 304 43.21 18.33 -23.24
C CYS E 304 42.55 17.90 -21.95
N ASN E 305 43.34 17.77 -20.89
CA ASN E 305 42.79 17.32 -19.59
C ASN E 305 42.00 18.41 -18.84
N LEU E 306 42.28 19.73 -19.02
CA LEU E 306 41.42 20.83 -18.49
C LEU E 306 40.08 20.79 -19.21
N VAL E 307 40.08 20.73 -20.55
CA VAL E 307 38.84 20.58 -21.37
C VAL E 307 38.13 19.29 -20.98
N SER E 308 38.84 18.15 -21.00
CA SER E 308 38.30 16.85 -20.60
C SER E 308 37.84 16.90 -19.17
N PHE E 309 38.44 17.73 -18.33
CA PHE E 309 38.06 17.90 -16.89
C PHE E 309 36.72 18.60 -16.79
N VAL E 310 36.48 19.61 -17.62
CA VAL E 310 35.22 20.40 -17.53
C VAL E 310 34.10 19.65 -18.23
N LEU E 311 34.45 18.75 -19.15
CA LEU E 311 33.40 17.96 -19.80
C LEU E 311 33.08 16.77 -18.88
N PHE E 312 34.06 16.29 -18.14
CA PHE E 312 33.76 15.23 -17.19
C PHE E 312 32.76 15.70 -16.14
N TYR E 313 32.89 16.94 -15.69
CA TYR E 313 31.91 17.45 -14.74
C TYR E 313 30.62 17.96 -15.41
N LEU E 314 30.71 18.45 -16.65
CA LEU E 314 29.50 18.78 -17.41
C LEU E 314 28.64 17.54 -17.62
N SER E 315 29.27 16.38 -17.80
CA SER E 315 28.53 15.14 -17.95
C SER E 315 27.67 14.86 -16.73
N ALA E 316 28.25 14.92 -15.54
CA ALA E 316 27.49 14.71 -14.32
C ALA E 316 26.45 15.79 -14.09
N ALA E 317 26.73 17.03 -14.52
CA ALA E 317 25.74 18.09 -14.42
C ALA E 317 24.52 17.84 -15.31
N ILE E 318 24.74 17.48 -16.57
CA ILE E 318 23.63 17.35 -17.52
C ILE E 318 22.98 15.98 -17.53
N ASN E 319 23.56 14.99 -16.85
CA ASN E 319 22.94 13.67 -16.80
C ASN E 319 21.53 13.70 -16.21
N PRO E 320 21.29 14.36 -15.07
CA PRO E 320 19.92 14.41 -14.55
C PRO E 320 18.94 15.10 -15.47
N ILE E 321 19.38 16.09 -16.25
CA ILE E 321 18.49 16.85 -17.11
C ILE E 321 18.52 16.33 -18.55
N LEU E 322 19.10 15.15 -18.78
CA LEU E 322 19.10 14.54 -20.09
C LEU E 322 18.19 13.32 -20.18
N TYR E 323 17.83 12.72 -19.06
CA TYR E 323 16.95 11.56 -19.05
C TYR E 323 15.59 11.85 -18.42
N ASN E 324 15.42 13.02 -17.78
CA ASN E 324 14.17 13.38 -17.14
C ASN E 324 13.62 14.71 -17.66
N ILE E 325 14.26 15.30 -18.68
CA ILE E 325 13.81 16.60 -19.18
C ILE E 325 12.43 16.48 -19.83
N MET E 326 12.21 15.44 -20.64
CA MET E 326 10.95 15.27 -21.35
C MET E 326 9.97 14.35 -20.65
N SER E 327 10.29 13.87 -19.45
CA SER E 327 9.36 13.05 -18.67
C SER E 327 8.40 13.97 -17.95
N LYS E 328 7.19 14.12 -18.49
CA LYS E 328 6.20 15.02 -17.90
C LYS E 328 5.74 14.55 -16.53
N LYS E 329 5.62 13.24 -16.32
CA LYS E 329 5.31 12.72 -15.00
C LYS E 329 6.38 13.11 -13.99
N TYR E 330 7.63 13.22 -14.42
CA TYR E 330 8.68 13.70 -13.54
C TYR E 330 8.54 15.20 -13.27
N ARG E 331 8.16 15.97 -14.29
CA ARG E 331 7.97 17.41 -14.11
C ARG E 331 6.84 17.70 -13.11
N VAL E 332 5.74 16.95 -13.21
CA VAL E 332 4.62 17.16 -12.31
C VAL E 332 5.04 16.95 -10.86
N ALA E 333 5.78 15.87 -10.60
CA ALA E 333 6.27 15.61 -9.26
C ALA E 333 7.33 16.62 -8.82
N VAL E 334 8.15 17.13 -9.73
CA VAL E 334 9.14 18.14 -9.37
C VAL E 334 8.43 19.41 -8.91
N PHE E 335 7.42 19.85 -9.66
CA PHE E 335 6.67 21.03 -9.24
C PHE E 335 5.86 20.78 -7.97
N ARG E 336 5.32 19.56 -7.82
CA ARG E 336 4.57 19.21 -6.62
C ARG E 336 5.43 19.25 -5.37
N LEU E 337 6.67 18.74 -5.47
CA LEU E 337 7.50 18.61 -4.27
C LEU E 337 8.03 19.96 -3.81
N LEU E 338 8.34 20.87 -4.73
CA LEU E 338 8.76 22.21 -4.34
C LEU E 338 7.53 23.12 -4.38
N GLY E 339 7.73 24.43 -4.18
CA GLY E 339 6.59 25.32 -4.02
C GLY E 339 5.73 25.43 -5.26
N PHE E 340 6.36 25.60 -6.43
CA PHE E 340 5.64 25.81 -7.68
C PHE E 340 4.75 24.61 -8.02
C28 1KD F . 46.24 16.77 -16.07
C26 1KD F . 44.14 15.96 -15.33
C25 1KD F . 43.95 12.91 -14.36
C24 1KD F . 44.57 13.85 -15.39
C11 1KD F . 43.86 9.05 -11.99
C10 1KD F . 38.82 12.05 -12.55
C17 1KD F . 44.61 5.60 -16.54
C18 1KD F . 43.66 4.90 -15.80
C16 1KD F . 45.28 6.67 -16.00
C15 1KD F . 45.00 7.06 -14.70
C14 1KD F . 44.06 6.37 -13.96
C13 1KD F . 43.76 6.80 -12.54
C23 1KD F . 45.19 15.06 -14.80
C19 1KD F . 43.39 5.29 -14.50
C21 1KD F . 46.09 13.37 -13.24
C22 1KD F . 45.68 14.82 -13.43
C02 1KD F . 44.76 11.26 -12.51
C03 1KD F . 43.53 10.38 -12.66
C05 1KD F . 41.11 11.06 -12.49
C07 1KD F . 40.00 11.68 -11.65
C09 1KD F . 39.53 10.69 -10.58
C29 1KD F . 46.49 15.52 -15.48
C30 1KD F . 47.76 14.94 -15.58
C31 1KD F . 48.77 15.60 -16.28
C32 1KD F . 48.53 16.86 -16.87
C33 1KD F . 47.26 17.43 -16.76
C37 1KD F . 44.76 19.82 -16.89
N04 1KD F . 42.43 10.96 -11.92
N08 1KD F . 40.53 12.87 -11.00
N20 1KD F . 44.91 12.46 -13.33
N27 1KD F . 44.81 17.15 -15.79
O01 1KD F . 45.59 10.98 -11.72
O06 1KD F . 40.89 10.67 -13.59
O12 1KD F . 43.10 8.04 -12.58
O35 1KD F . 44.71 19.24 -14.24
O36 1KD F . 42.80 18.73 -15.34
S34 1KD F . 44.26 18.73 -15.53
C1 CLR G . 19.05 0.19 -5.17
C2 CLR G . 17.97 -0.38 -4.25
C3 CLR G . 16.66 0.38 -4.41
C4 CLR G . 16.89 1.87 -4.28
C5 CLR G . 18.32 2.21 -3.94
C6 CLR G . 18.62 2.95 -2.87
C7 CLR G . 19.98 3.42 -2.49
C8 CLR G . 21.06 3.07 -3.51
C9 CLR G . 20.78 1.71 -4.16
C10 CLR G . 19.39 1.66 -4.87
C11 CLR G . 21.91 1.27 -5.08
C12 CLR G . 23.28 1.27 -4.39
C13 CLR G . 23.59 2.63 -3.76
C14 CLR G . 22.42 2.99 -2.83
C15 CLR G . 22.94 4.19 -2.04
C16 CLR G . 24.43 3.90 -1.86
C17 CLR G . 24.76 2.65 -2.73
C18 CLR G . 23.81 3.71 -4.83
C19 CLR G . 19.38 2.48 -6.18
C20 CLR G . 26.22 2.60 -3.21
C21 CLR G . 26.72 1.17 -3.40
C22 CLR G . 27.13 3.35 -2.23
C23 CLR G . 28.60 3.09 -2.41
C24 CLR G . 29.45 3.74 -1.35
C25 CLR G . 30.03 5.12 -1.72
C26 CLR G . 30.52 5.86 -0.49
C27 CLR G . 31.14 4.99 -2.74
O1 CLR G . 16.14 0.10 -5.71
#